data_4KB7
#
_entry.id   4KB7
#
_cell.length_a   86.031
_cell.length_b   106.616
_cell.length_c   126.515
_cell.angle_alpha   90.000
_cell.angle_beta   90.000
_cell.angle_gamma   90.000
#
_symmetry.space_group_name_H-M   'P 21 21 21'
#
loop_
_entity.id
_entity.type
_entity.pdbx_description
1 polymer 'HCV Polymerase'
2 non-polymer 5-cyclopropyl-2-(4-fluorophenyl)-6-[{2-[(3R)-1-hydroxy-1,3-dihydro-2,1-benzoxaborol-3-yl]ethyl}(methylsulfonyl)amino]-N-methyl-1-benzofuran-3-carboxamide
3 water water
#
_entity_poly.entity_id   1
_entity_poly.type   'polypeptide(L)'
_entity_poly.pdbx_seq_one_letter_code
;MASMSYTWTGALITPCAAEESKLPINALSNSLLRHHNMVYATTSRSAGQRQKKVTFDRLQVLDDHYRDVLKEMKAKASTV
KAKLLSVEEACKLTPPHSAKSKYGYGAKDVRNLSSRAVNHIHSVWKDLLEDTVTPIDTTIMAKNEVFCVQPEKGGRKPAR
LIVFPDLGVRVCEKMALYDVVSTLPQVVMGSSYGFQYSPGQRVEFLVNTWKSKKNPMGFSYDTRCFDSTVTENDIRVEES
IYQCCDLAPEARQAIKSLTERLYIGGPLTNSKGQNCGYRRCRASGVLTTSCGNTLTCYLKASAACRAAKLQDCTMLVYGD
DLVVICESAGTQEDAASLRVFTEAMTRYSAPPGDPPQPEYDLELITSCSSNVSVAHDASGKRVYYLTRDPTTPLARAAWE
TARHTPVNSWLGNIIMYAPTLWARMILMTHFFSILLAQEQLEKALDCQIYGACYSIEPLDLPQIIERLHGLSAFSLHSYS
PGEINRVASCLRKLGVPPLRVWRHRARSVRARLLSQGGRAATCGKYLFNWAVKTKLKLTPIPAASRLDLSGWFVAGYSGG
DIYHSLSRARPRLEHHHHHH
;
_entity_poly.pdbx_strand_id   A,B
#
loop_
_chem_comp.id
_chem_comp.type
_chem_comp.name
_chem_comp.formula
690 non-polymer 5-cyclopropyl-2-(4-fluorophenyl)-6-[{2-[(3R)-1-hydroxy-1,3-dihydro-2,1-benzoxaborol-3-yl]ethyl}(methylsulfonyl)amino]-N-methyl-1-benzofuran-3-carboxamide 'C29 H28 B F N2 O6 S'
#
# COMPACT_ATOMS: atom_id res chain seq x y z
N SER A 3 -9.30 -10.43 -8.89
CA SER A 3 -8.57 -10.68 -10.16
C SER A 3 -8.25 -12.16 -10.30
N MET A 4 -8.33 -12.67 -11.54
CA MET A 4 -8.07 -14.08 -11.80
C MET A 4 -6.57 -14.32 -11.90
N SER A 5 -6.11 -15.38 -11.25
CA SER A 5 -4.68 -15.76 -11.29
C SER A 5 -4.17 -15.95 -12.71
N TYR A 6 -5.03 -16.50 -13.57
CA TYR A 6 -4.74 -16.69 -14.99
C TYR A 6 -5.97 -16.50 -15.85
N THR A 7 -5.74 -16.09 -17.09
CA THR A 7 -6.73 -16.15 -18.16
C THR A 7 -6.13 -17.02 -19.25
N TRP A 8 -6.94 -17.86 -19.89
CA TRP A 8 -6.45 -18.82 -20.89
C TRP A 8 -7.12 -18.60 -22.24
N THR A 9 -6.36 -18.84 -23.31
CA THR A 9 -6.84 -18.66 -24.68
C THR A 9 -7.48 -19.91 -25.26
N GLY A 10 -7.01 -21.08 -24.80
CA GLY A 10 -7.46 -22.36 -25.35
C GLY A 10 -6.34 -23.14 -26.02
N ALA A 11 -5.25 -22.44 -26.37
CA ALA A 11 -4.06 -23.11 -26.91
C ALA A 11 -3.45 -23.99 -25.84
N LEU A 12 -2.97 -25.16 -26.24
CA LEU A 12 -2.47 -26.16 -25.30
C LEU A 12 -1.07 -25.81 -24.80
N ILE A 13 -0.76 -26.30 -23.59
CA ILE A 13 0.61 -26.27 -23.08
C ILE A 13 1.33 -27.48 -23.69
N THR A 14 2.35 -27.20 -24.49
CA THR A 14 2.98 -28.22 -25.33
C THR A 14 4.35 -28.65 -24.81
N PRO A 15 4.76 -29.89 -25.11
CA PRO A 15 6.11 -30.35 -24.75
C PRO A 15 7.15 -29.91 -25.77
N CYS A 16 8.41 -29.79 -25.33
CA CYS A 16 9.52 -29.45 -26.22
C CYS A 16 10.35 -30.68 -26.58
N ALA A 17 9.93 -31.85 -26.11
CA ALA A 17 10.59 -33.12 -26.40
C ALA A 17 9.67 -34.27 -26.00
N ALA A 18 10.08 -35.49 -26.36
CA ALA A 18 9.31 -36.69 -25.99
C ALA A 18 9.16 -36.81 -24.47
N GLU A 19 7.98 -37.26 -24.04
CA GLU A 19 7.66 -37.37 -22.62
C GLU A 19 7.34 -38.82 -22.23
N GLU A 20 8.07 -39.34 -21.25
CA GLU A 20 7.83 -40.67 -20.71
C GLU A 20 7.00 -40.59 -19.44
N SER A 21 5.89 -41.32 -19.39
CA SER A 21 5.09 -41.44 -18.17
C SER A 21 5.36 -42.74 -17.41
N LYS A 22 5.68 -43.81 -18.13
CA LYS A 22 5.89 -45.13 -17.56
C LYS A 22 7.33 -45.30 -17.07
N LEU A 23 7.51 -46.01 -15.96
CA LEU A 23 8.84 -46.24 -15.40
C LEU A 23 9.73 -47.04 -16.37
N PRO A 24 10.83 -46.44 -16.83
CA PRO A 24 11.77 -47.18 -17.66
C PRO A 24 12.46 -48.28 -16.87
N ILE A 25 12.71 -49.41 -17.53
CA ILE A 25 13.27 -50.59 -16.87
C ILE A 25 14.57 -51.01 -17.56
N ASN A 26 15.57 -51.38 -16.76
CA ASN A 26 16.80 -51.98 -17.29
C ASN A 26 17.21 -53.17 -16.42
N ALA A 27 18.44 -53.67 -16.59
CA ALA A 27 18.89 -54.85 -15.86
C ALA A 27 19.06 -54.63 -14.34
N LEU A 28 19.11 -53.37 -13.93
CA LEU A 28 19.33 -52.99 -12.52
C LEU A 28 18.03 -52.70 -11.76
N SER A 29 16.93 -52.47 -12.49
CA SER A 29 15.69 -51.97 -11.89
C SER A 29 15.14 -52.87 -10.78
N ASN A 30 15.00 -54.17 -11.07
CA ASN A 30 14.39 -55.11 -10.13
C ASN A 30 15.13 -55.26 -8.81
N SER A 31 16.44 -55.02 -8.80
CA SER A 31 17.23 -55.07 -7.57
C SER A 31 16.84 -53.97 -6.58
N LEU A 32 16.26 -52.87 -7.09
CA LEU A 32 15.79 -51.78 -6.24
C LEU A 32 14.28 -51.84 -5.99
N LEU A 33 13.50 -52.05 -7.05
CA LEU A 33 12.04 -51.86 -6.98
C LEU A 33 11.30 -52.80 -7.95
N ARG A 34 10.32 -53.54 -7.43
CA ARG A 34 9.57 -54.53 -8.22
C ARG A 34 8.21 -54.02 -8.71
N HIS A 35 7.53 -53.21 -7.90
CA HIS A 35 6.20 -52.72 -8.26
C HIS A 35 6.29 -51.52 -9.20
N HIS A 36 6.62 -51.80 -10.47
CA HIS A 36 6.92 -50.75 -11.45
C HIS A 36 5.73 -49.86 -11.79
N ASN A 37 4.54 -50.45 -11.85
CA ASN A 37 3.33 -49.69 -12.22
C ASN A 37 2.90 -48.62 -11.21
N MET A 38 3.47 -48.67 -10.01
CA MET A 38 3.21 -47.64 -8.99
C MET A 38 4.00 -46.36 -9.22
N VAL A 39 5.06 -46.44 -10.02
CA VAL A 39 5.89 -45.27 -10.32
C VAL A 39 5.51 -44.67 -11.66
N TYR A 40 5.34 -43.35 -11.70
CA TYR A 40 4.97 -42.65 -12.92
C TYR A 40 5.60 -41.28 -12.96
N ALA A 41 5.68 -40.70 -14.16
CA ALA A 41 6.12 -39.30 -14.32
C ALA A 41 4.99 -38.48 -14.91
N THR A 42 4.87 -37.23 -14.46
CA THR A 42 3.87 -36.31 -14.98
C THR A 42 4.26 -35.85 -16.38
N THR A 43 3.26 -35.54 -17.20
CA THR A 43 3.49 -35.04 -18.56
C THR A 43 2.51 -33.92 -18.89
N SER A 44 2.71 -33.31 -20.06
CA SER A 44 1.85 -32.23 -20.55
C SER A 44 0.38 -32.66 -20.76
N ARG A 45 0.13 -33.97 -20.82
CA ARG A 45 -1.23 -34.49 -20.99
C ARG A 45 -2.16 -34.17 -19.82
N SER A 46 -1.61 -33.85 -18.65
CA SER A 46 -2.41 -33.47 -17.49
C SER A 46 -2.40 -31.96 -17.23
N ALA A 47 -1.77 -31.18 -18.12
CA ALA A 47 -1.67 -29.73 -17.97
C ALA A 47 -3.04 -29.07 -17.78
N GLY A 48 -4.03 -29.53 -18.55
CA GLY A 48 -5.41 -29.05 -18.44
C GLY A 48 -5.98 -29.15 -17.04
N GLN A 49 -5.71 -30.28 -16.38
CA GLN A 49 -6.18 -30.50 -15.01
C GLN A 49 -5.53 -29.50 -14.04
N ARG A 50 -4.23 -29.28 -14.19
CA ARG A 50 -3.52 -28.32 -13.35
C ARG A 50 -4.03 -26.90 -13.58
N GLN A 51 -4.27 -26.54 -14.85
CA GLN A 51 -4.78 -25.22 -15.20
C GLN A 51 -6.06 -24.88 -14.44
N LYS A 52 -6.97 -25.85 -14.34
CA LYS A 52 -8.21 -25.68 -13.57
C LYS A 52 -7.93 -25.40 -12.10
N LYS A 53 -6.99 -26.14 -11.52
CA LYS A 53 -6.66 -26.03 -10.10
C LYS A 53 -6.03 -24.67 -9.74
N VAL A 54 -5.17 -24.17 -10.61
CA VAL A 54 -4.39 -22.95 -10.33
C VAL A 54 -5.10 -21.66 -10.78
N THR A 55 -6.26 -21.80 -11.42
CA THR A 55 -7.01 -20.64 -11.93
C THR A 55 -8.20 -20.32 -11.02
N PHE A 56 -8.10 -19.20 -10.31
CA PHE A 56 -9.19 -18.74 -9.44
C PHE A 56 -9.10 -17.25 -9.12
N ASP A 57 -10.17 -16.69 -8.58
CA ASP A 57 -10.22 -15.28 -8.21
C ASP A 57 -9.55 -15.10 -6.84
N ARG A 58 -8.80 -14.01 -6.68
CA ARG A 58 -8.18 -13.68 -5.41
C ARG A 58 -8.81 -12.43 -4.84
N LEU A 59 -9.25 -12.50 -3.60
CA LEU A 59 -9.73 -11.33 -2.86
C LEU A 59 -8.76 -11.10 -1.71
N GLN A 60 -8.48 -9.83 -1.43
CA GLN A 60 -7.53 -9.47 -0.39
C GLN A 60 -8.09 -8.34 0.46
N VAL A 61 -8.09 -8.56 1.77
CA VAL A 61 -8.49 -7.55 2.74
C VAL A 61 -7.32 -7.33 3.70
N LEU A 62 -6.76 -6.12 3.70
CA LEU A 62 -5.54 -5.84 4.46
C LEU A 62 -5.81 -4.91 5.63
N ASP A 63 -5.46 -5.38 6.83
CA ASP A 63 -5.76 -4.68 8.08
C ASP A 63 -4.49 -4.09 8.68
N ASP A 64 -4.60 -3.51 9.88
CA ASP A 64 -3.47 -2.83 10.51
C ASP A 64 -2.33 -3.77 10.91
N HIS A 65 -2.66 -4.98 11.35
CA HIS A 65 -1.62 -5.98 11.64
C HIS A 65 -0.70 -6.19 10.43
N TYR A 66 -1.30 -6.30 9.25
CA TYR A 66 -0.55 -6.45 7.99
C TYR A 66 0.38 -5.27 7.76
N ARG A 67 -0.16 -4.05 7.84
CA ARG A 67 0.65 -2.85 7.62
C ARG A 67 1.70 -2.63 8.71
N ASP A 68 1.39 -3.02 9.95
CA ASP A 68 2.35 -2.94 11.07
C ASP A 68 3.57 -3.82 10.80
N VAL A 69 3.33 -5.07 10.45
CA VAL A 69 4.42 -6.01 10.15
C VAL A 69 5.23 -5.54 8.95
N LEU A 70 4.55 -5.08 7.90
CA LEU A 70 5.22 -4.57 6.71
C LEU A 70 6.18 -3.42 7.05
N LYS A 71 5.72 -2.49 7.87
CA LYS A 71 6.58 -1.37 8.31
C LYS A 71 7.85 -1.87 9.01
N GLU A 72 7.71 -2.89 9.85
CA GLU A 72 8.86 -3.46 10.58
C GLU A 72 9.84 -4.14 9.61
N MET A 73 9.31 -4.84 8.62
CA MET A 73 10.14 -5.51 7.62
C MET A 73 10.91 -4.49 6.77
N LYS A 74 10.23 -3.41 6.37
CA LYS A 74 10.86 -2.33 5.62
C LYS A 74 11.98 -1.65 6.42
N ALA A 75 11.77 -1.48 7.72
CA ALA A 75 12.79 -0.89 8.61
C ALA A 75 14.07 -1.71 8.62
N LYS A 76 13.93 -3.04 8.64
CA LYS A 76 15.07 -3.95 8.59
C LYS A 76 15.71 -3.95 7.20
N ALA A 77 14.88 -3.99 6.16
CA ALA A 77 15.36 -3.93 4.77
C ALA A 77 16.17 -2.66 4.51
N SER A 78 15.78 -1.56 5.18
CA SER A 78 16.46 -0.28 5.06
C SER A 78 17.94 -0.30 5.50
N THR A 79 18.33 -1.34 6.25
CA THR A 79 19.72 -1.48 6.69
C THR A 79 20.61 -2.27 5.71
N VAL A 80 19.99 -2.88 4.70
CA VAL A 80 20.74 -3.70 3.74
C VAL A 80 21.33 -2.84 2.62
N LYS A 81 22.59 -3.13 2.28
CA LYS A 81 23.24 -2.53 1.11
C LYS A 81 23.55 -3.63 0.12
N ALA A 82 22.99 -3.51 -1.09
CA ALA A 82 23.15 -4.52 -2.13
C ALA A 82 23.85 -3.92 -3.36
N LYS A 83 24.63 -4.75 -4.04
CA LYS A 83 25.38 -4.32 -5.22
C LYS A 83 24.83 -4.95 -6.50
N LEU A 84 25.05 -4.27 -7.63
CA LEU A 84 24.80 -4.85 -8.94
C LEU A 84 25.89 -5.88 -9.21
N LEU A 85 25.53 -7.02 -9.78
CA LEU A 85 26.53 -7.94 -10.32
C LEU A 85 26.88 -7.48 -11.73
N SER A 86 28.15 -7.61 -12.09
CA SER A 86 28.57 -7.36 -13.46
C SER A 86 28.00 -8.44 -14.38
N VAL A 87 28.03 -8.19 -15.68
CA VAL A 87 27.61 -9.18 -16.67
C VAL A 87 28.37 -10.49 -16.44
N GLU A 88 29.68 -10.38 -16.20
CA GLU A 88 30.55 -11.54 -16.04
C GLU A 88 30.18 -12.38 -14.80
N GLU A 89 29.93 -11.72 -13.68
CA GLU A 89 29.51 -12.41 -12.46
C GLU A 89 28.17 -13.12 -12.63
N ALA A 90 27.22 -12.45 -13.28
CA ALA A 90 25.91 -13.04 -13.57
C ALA A 90 26.03 -14.24 -14.51
N CYS A 91 26.89 -14.13 -15.52
CA CYS A 91 27.14 -15.22 -16.46
C CYS A 91 27.68 -16.48 -15.75
N LYS A 92 28.58 -16.29 -14.80
CA LYS A 92 29.16 -17.42 -14.05
C LYS A 92 28.15 -18.15 -13.17
N LEU A 93 27.06 -17.48 -12.79
CA LEU A 93 26.00 -18.08 -11.98
C LEU A 93 24.96 -18.84 -12.83
N THR A 94 25.10 -18.77 -14.15
CA THR A 94 24.18 -19.45 -15.07
C THR A 94 24.52 -20.94 -15.16
N PRO A 95 23.54 -21.82 -14.91
CA PRO A 95 23.80 -23.26 -15.04
C PRO A 95 24.16 -23.67 -16.47
N PRO A 96 25.18 -24.54 -16.63
CA PRO A 96 25.61 -25.04 -17.94
C PRO A 96 24.48 -25.57 -18.83
N HIS A 97 23.49 -26.23 -18.23
CA HIS A 97 22.39 -26.82 -18.97
C HIS A 97 21.08 -26.02 -18.84
N SER A 98 21.21 -24.72 -18.56
CA SER A 98 20.06 -23.81 -18.54
C SER A 98 19.50 -23.65 -19.95
N ALA A 99 18.20 -23.36 -20.05
CA ALA A 99 17.53 -23.26 -21.35
C ALA A 99 18.14 -22.15 -22.20
N LYS A 100 18.42 -22.47 -23.47
CA LYS A 100 19.05 -21.51 -24.38
C LYS A 100 18.12 -20.35 -24.73
N SER A 101 18.72 -19.26 -25.21
CA SER A 101 17.96 -18.08 -25.63
C SER A 101 17.29 -18.31 -26.98
N LYS A 102 16.19 -17.59 -27.20
CA LYS A 102 15.53 -17.54 -28.50
C LYS A 102 16.37 -16.77 -29.52
N TYR A 103 17.34 -15.99 -29.05
CA TYR A 103 18.06 -15.03 -29.89
C TYR A 103 19.49 -15.48 -30.27
N GLY A 104 19.69 -16.79 -30.42
CA GLY A 104 20.88 -17.33 -31.06
C GLY A 104 22.08 -17.65 -30.19
N TYR A 105 21.86 -17.91 -28.91
CA TYR A 105 22.94 -18.30 -28.00
C TYR A 105 22.40 -19.12 -26.83
N GLY A 106 23.28 -19.89 -26.20
CA GLY A 106 22.89 -20.79 -25.11
C GLY A 106 23.62 -20.50 -23.82
N ALA A 107 23.43 -21.38 -22.84
CA ALA A 107 24.00 -21.21 -21.50
C ALA A 107 25.53 -21.33 -21.49
N LYS A 108 26.08 -22.19 -22.34
CA LYS A 108 27.53 -22.34 -22.45
C LYS A 108 28.17 -21.10 -23.08
N ASP A 109 27.46 -20.48 -24.03
CA ASP A 109 27.90 -19.21 -24.61
C ASP A 109 27.94 -18.11 -23.55
N VAL A 110 26.91 -18.08 -22.70
CA VAL A 110 26.83 -17.13 -21.59
C VAL A 110 28.01 -17.31 -20.63
N ARG A 111 28.19 -18.54 -20.15
CA ARG A 111 29.28 -18.87 -19.22
C ARG A 111 30.65 -18.53 -19.80
N ASN A 112 30.83 -18.74 -21.11
CA ASN A 112 32.10 -18.45 -21.79
C ASN A 112 32.27 -16.97 -22.17
N LEU A 113 31.25 -16.15 -21.91
CA LEU A 113 31.28 -14.72 -22.20
C LEU A 113 31.48 -14.44 -23.69
N SER A 114 30.79 -15.21 -24.54
CA SER A 114 30.87 -14.99 -25.99
C SER A 114 30.32 -13.62 -26.34
N SER A 115 30.85 -13.02 -27.40
CA SER A 115 30.45 -11.67 -27.80
C SER A 115 28.96 -11.57 -28.09
N ARG A 116 28.40 -12.58 -28.78
CA ARG A 116 26.98 -12.60 -29.10
C ARG A 116 26.10 -12.61 -27.86
N ALA A 117 26.42 -13.48 -26.90
CA ALA A 117 25.68 -13.57 -25.65
C ALA A 117 25.79 -12.28 -24.85
N VAL A 118 27.02 -11.81 -24.68
CA VAL A 118 27.30 -10.60 -23.90
C VAL A 118 26.63 -9.37 -24.53
N ASN A 119 26.66 -9.27 -25.86
CA ASN A 119 26.02 -8.16 -26.57
C ASN A 119 24.50 -8.13 -26.38
N HIS A 120 23.86 -9.30 -26.41
CA HIS A 120 22.42 -9.37 -26.20
CA HIS A 120 22.41 -9.38 -26.20
C HIS A 120 22.04 -9.06 -24.75
N ILE A 121 22.84 -9.54 -23.81
CA ILE A 121 22.62 -9.25 -22.39
C ILE A 121 22.69 -7.75 -22.14
N HIS A 122 23.69 -7.10 -22.74
CA HIS A 122 23.81 -5.64 -22.65
C HIS A 122 22.58 -4.93 -23.22
N SER A 123 22.03 -5.46 -24.33
CA SER A 123 20.86 -4.84 -24.96
C SER A 123 19.58 -5.08 -24.16
N VAL A 124 19.45 -6.26 -23.54
CA VAL A 124 18.31 -6.54 -22.67
C VAL A 124 18.34 -5.61 -21.45
N TRP A 125 19.53 -5.44 -20.87
CA TRP A 125 19.72 -4.56 -19.72
C TRP A 125 19.35 -3.10 -20.02
N LYS A 126 19.87 -2.59 -21.14
CA LYS A 126 19.54 -1.23 -21.58
C LYS A 126 18.04 -1.04 -21.78
N ASP A 127 17.37 -2.06 -22.34
CA ASP A 127 15.92 -2.02 -22.52
C ASP A 127 15.18 -1.98 -21.18
N LEU A 128 15.65 -2.73 -20.19
CA LEU A 128 15.08 -2.66 -18.83
C LEU A 128 15.18 -1.24 -18.25
N LEU A 129 16.29 -0.55 -18.50
CA LEU A 129 16.49 0.82 -18.00
C LEU A 129 15.60 1.82 -18.74
N GLU A 130 15.40 1.59 -20.04
CA GLU A 130 14.70 2.55 -20.91
C GLU A 130 13.17 2.37 -20.91
N ASP A 131 12.72 1.16 -20.58
CA ASP A 131 11.31 0.77 -20.71
C ASP A 131 10.85 0.08 -19.43
N THR A 132 9.88 0.68 -18.73
CA THR A 132 9.35 0.12 -17.48
C THR A 132 7.86 -0.29 -17.59
N VAL A 133 7.39 -0.53 -18.82
CA VAL A 133 5.96 -0.76 -19.04
CA VAL A 133 5.96 -0.74 -19.06
C VAL A 133 5.65 -2.03 -19.84
N THR A 134 6.41 -2.29 -20.90
CA THR A 134 6.09 -3.39 -21.82
C THR A 134 6.22 -4.77 -21.19
N PRO A 135 5.11 -5.54 -21.13
CA PRO A 135 5.22 -6.89 -20.56
C PRO A 135 6.26 -7.75 -21.27
N ILE A 136 7.06 -8.48 -20.49
CA ILE A 136 8.09 -9.36 -21.03
C ILE A 136 7.51 -10.76 -21.25
N ASP A 137 7.85 -11.38 -22.37
CA ASP A 137 7.32 -12.69 -22.72
C ASP A 137 7.81 -13.75 -21.74
N THR A 138 6.99 -14.77 -21.52
CA THR A 138 7.39 -15.95 -20.75
C THR A 138 6.95 -17.21 -21.48
N THR A 139 7.69 -18.29 -21.24
CA THR A 139 7.32 -19.60 -21.73
C THR A 139 6.64 -20.35 -20.59
N ILE A 140 5.56 -21.08 -20.90
CA ILE A 140 4.93 -21.96 -19.93
C ILE A 140 5.14 -23.42 -20.36
N MET A 141 5.53 -24.26 -19.40
CA MET A 141 5.80 -25.67 -19.65
C MET A 141 5.20 -26.51 -18.53
N ALA A 142 4.81 -27.73 -18.88
CA ALA A 142 4.44 -28.74 -17.88
C ALA A 142 5.72 -29.44 -17.43
N LYS A 143 5.93 -29.53 -16.12
CA LYS A 143 7.11 -30.21 -15.58
C LYS A 143 6.93 -31.73 -15.64
N ASN A 144 8.04 -32.42 -15.90
CA ASN A 144 8.09 -33.88 -15.83
C ASN A 144 8.75 -34.29 -14.51
N GLU A 145 7.92 -34.71 -13.54
CA GLU A 145 8.40 -35.13 -12.22
C GLU A 145 7.85 -36.51 -11.88
N VAL A 146 8.65 -37.31 -11.19
CA VAL A 146 8.32 -38.70 -10.87
C VAL A 146 7.70 -38.83 -9.47
N PHE A 147 6.67 -39.67 -9.35
CA PHE A 147 5.99 -39.92 -8.08
C PHE A 147 5.53 -41.37 -7.97
N CYS A 148 5.13 -41.76 -6.76
CA CYS A 148 4.42 -43.02 -6.55
C CYS A 148 2.92 -42.72 -6.56
N VAL A 149 2.12 -43.65 -7.10
CA VAL A 149 0.67 -43.47 -7.15
C VAL A 149 0.07 -43.28 -5.76
N GLN A 150 -1.05 -42.55 -5.72
CA GLN A 150 -1.76 -42.22 -4.48
CA GLN A 150 -1.76 -42.23 -4.48
C GLN A 150 -0.81 -42.03 -3.30
N ARG A 156 -3.16 -40.20 -9.67
CA ARG A 156 -1.97 -39.54 -10.17
C ARG A 156 -2.10 -38.02 -10.06
N LYS A 157 -1.00 -37.35 -9.70
CA LYS A 157 -0.95 -35.91 -9.64
C LYS A 157 -0.83 -35.33 -11.05
N PRO A 158 -1.55 -34.23 -11.35
CA PRO A 158 -1.32 -33.55 -12.63
C PRO A 158 0.01 -32.81 -12.60
N ALA A 159 0.60 -32.60 -13.79
CA ALA A 159 1.88 -31.92 -13.90
C ALA A 159 1.84 -30.54 -13.27
N ARG A 160 2.92 -30.15 -12.60
CA ARG A 160 3.10 -28.77 -12.17
C ARG A 160 3.44 -27.95 -13.41
N LEU A 161 3.11 -26.66 -13.37
CA LEU A 161 3.42 -25.77 -14.47
C LEU A 161 4.58 -24.87 -14.05
N ILE A 162 5.48 -24.60 -14.99
CA ILE A 162 6.55 -23.64 -14.76
C ILE A 162 6.49 -22.52 -15.77
N VAL A 163 6.84 -21.32 -15.34
CA VAL A 163 6.77 -20.11 -16.15
C VAL A 163 8.07 -19.33 -16.01
N PHE A 164 8.77 -19.13 -17.13
CA PHE A 164 10.09 -18.51 -17.09
C PHE A 164 10.37 -17.62 -18.31
N PRO A 165 11.18 -16.57 -18.12
CA PRO A 165 11.55 -15.69 -19.21
C PRO A 165 12.80 -16.20 -19.94
N ASP A 166 13.15 -15.50 -21.02
CA ASP A 166 14.29 -15.87 -21.85
C ASP A 166 15.62 -15.76 -21.09
N LEU A 167 16.59 -16.57 -21.49
CA LEU A 167 17.93 -16.59 -20.89
C LEU A 167 18.52 -15.20 -20.66
N GLY A 168 18.43 -14.34 -21.67
CA GLY A 168 18.97 -12.97 -21.58
C GLY A 168 18.39 -12.20 -20.41
N VAL A 169 17.07 -12.32 -20.25
CA VAL A 169 16.38 -11.73 -19.11
C VAL A 169 16.83 -12.35 -17.79
N ARG A 170 17.00 -13.67 -17.76
CA ARG A 170 17.40 -14.38 -16.54
C ARG A 170 18.77 -13.89 -16.04
N VAL A 171 19.69 -13.63 -16.96
CA VAL A 171 20.99 -13.10 -16.60
C VAL A 171 20.87 -11.68 -16.02
N CYS A 172 20.00 -10.87 -16.62
CA CYS A 172 19.75 -9.51 -16.13
C CYS A 172 19.10 -9.50 -14.74
N GLU A 173 18.22 -10.46 -14.47
CA GLU A 173 17.67 -10.61 -13.13
C GLU A 173 18.79 -10.79 -12.10
N LYS A 174 19.76 -11.66 -12.42
CA LYS A 174 20.91 -11.87 -11.54
C LYS A 174 21.67 -10.55 -11.30
N MET A 175 21.88 -9.78 -12.37
CA MET A 175 22.61 -8.51 -12.27
C MET A 175 21.92 -7.55 -11.29
N ALA A 176 20.61 -7.41 -11.44
CA ALA A 176 19.84 -6.47 -10.62
C ALA A 176 19.60 -6.95 -9.20
N LEU A 177 19.39 -8.25 -9.01
CA LEU A 177 18.75 -8.78 -7.79
C LEU A 177 19.44 -9.95 -7.07
N TYR A 178 20.50 -10.51 -7.62
CA TYR A 178 21.12 -11.67 -6.98
C TYR A 178 21.61 -11.34 -5.58
N ASP A 179 22.27 -10.19 -5.43
CA ASP A 179 22.81 -9.78 -4.14
C ASP A 179 21.68 -9.48 -3.15
N VAL A 180 20.58 -8.92 -3.67
CA VAL A 180 19.40 -8.61 -2.84
C VAL A 180 18.75 -9.89 -2.31
N VAL A 181 18.40 -10.81 -3.20
CA VAL A 181 17.69 -12.03 -2.79
C VAL A 181 18.58 -12.99 -1.98
N SER A 182 19.89 -12.81 -2.05
CA SER A 182 20.84 -13.59 -1.28
C SER A 182 21.01 -13.09 0.16
N THR A 183 20.79 -11.80 0.37
CA THR A 183 21.13 -11.15 1.65
C THR A 183 19.96 -10.52 2.41
N LEU A 184 18.93 -10.08 1.68
CA LEU A 184 17.81 -9.36 2.29
C LEU A 184 16.95 -10.22 3.23
N PRO A 185 16.57 -11.44 2.80
CA PRO A 185 15.68 -12.28 3.60
C PRO A 185 16.16 -12.54 5.04
N GLN A 186 17.44 -12.86 5.21
CA GLN A 186 18.00 -13.13 6.53
C GLN A 186 17.93 -11.90 7.44
N VAL A 187 18.21 -10.73 6.87
CA VAL A 187 18.18 -9.47 7.62
C VAL A 187 16.74 -9.11 8.05
N VAL A 188 15.80 -9.27 7.12
CA VAL A 188 14.39 -8.94 7.38
C VAL A 188 13.72 -9.92 8.34
N MET A 189 14.03 -11.21 8.21
CA MET A 189 13.32 -12.27 8.92
C MET A 189 14.15 -12.93 10.04
N GLY A 190 15.44 -12.60 10.13
CA GLY A 190 16.29 -13.11 11.20
C GLY A 190 16.36 -14.64 11.18
N SER A 191 16.24 -15.23 12.36
CA SER A 191 16.29 -16.69 12.50
C SER A 191 15.16 -17.43 11.78
N SER A 192 14.09 -16.71 11.42
CA SER A 192 12.93 -17.30 10.75
C SER A 192 13.17 -17.68 9.29
N TYR A 193 14.23 -17.14 8.68
CA TYR A 193 14.56 -17.46 7.29
C TYR A 193 15.18 -18.85 7.21
N GLY A 194 14.42 -19.81 6.66
CA GLY A 194 14.79 -21.22 6.72
C GLY A 194 15.96 -21.66 5.85
N PHE A 195 16.26 -20.90 4.79
CA PHE A 195 17.28 -21.31 3.83
CA PHE A 195 17.29 -21.28 3.83
C PHE A 195 18.72 -21.06 4.33
N GLN A 196 18.87 -20.30 5.41
CA GLN A 196 20.19 -19.99 5.96
C GLN A 196 20.88 -21.18 6.66
N TYR A 197 20.09 -22.18 7.05
CA TYR A 197 20.60 -23.31 7.83
C TYR A 197 21.02 -24.49 6.96
N SER A 198 22.10 -25.16 7.37
CA SER A 198 22.36 -26.51 6.90
C SER A 198 21.34 -27.41 7.61
N PRO A 199 21.20 -28.68 7.17
CA PRO A 199 20.28 -29.57 7.87
C PRO A 199 20.56 -29.68 9.38
N GLY A 200 21.84 -29.80 9.74
CA GLY A 200 22.25 -29.88 11.15
C GLY A 200 21.96 -28.62 11.94
N GLN A 201 22.20 -27.47 11.33
CA GLN A 201 21.89 -26.17 11.95
C GLN A 201 20.37 -25.98 12.11
N ARG A 202 19.61 -26.44 11.12
CA ARG A 202 18.15 -26.32 11.16
C ARG A 202 17.54 -27.17 12.26
N VAL A 203 18.02 -28.41 12.37
CA VAL A 203 17.59 -29.30 13.45
C VAL A 203 17.89 -28.68 14.80
N GLU A 204 19.08 -28.11 14.95
CA GLU A 204 19.51 -27.48 16.19
CA GLU A 204 19.51 -27.48 16.19
C GLU A 204 18.60 -26.30 16.53
N PHE A 205 18.28 -25.48 15.53
CA PHE A 205 17.40 -24.33 15.73
C PHE A 205 15.99 -24.77 16.14
N LEU A 206 15.45 -25.76 15.44
CA LEU A 206 14.10 -26.27 15.74
C LEU A 206 13.99 -26.84 17.15
N VAL A 207 15.00 -27.61 17.55
CA VAL A 207 15.02 -28.20 18.90
C VAL A 207 15.15 -27.13 19.97
N ASN A 208 16.09 -26.20 19.78
CA ASN A 208 16.30 -25.09 20.71
C ASN A 208 15.07 -24.19 20.82
N THR A 209 14.41 -23.96 19.69
CA THR A 209 13.17 -23.16 19.67
C THR A 209 12.06 -23.85 20.47
N TRP A 210 11.95 -25.16 20.31
CA TRP A 210 10.97 -25.96 21.05
C TRP A 210 11.24 -25.91 22.55
N LYS A 211 12.50 -26.06 22.93
CA LYS A 211 12.88 -26.04 24.36
C LYS A 211 12.82 -24.64 24.98
N SER A 212 12.88 -23.60 24.16
CA SER A 212 12.81 -22.22 24.64
C SER A 212 11.42 -21.83 25.16
N LYS A 213 10.38 -22.58 24.78
CA LYS A 213 9.02 -22.32 25.25
C LYS A 213 8.77 -23.07 26.56
N LYS A 214 8.01 -22.46 27.46
CA LYS A 214 7.63 -23.11 28.72
C LYS A 214 6.75 -24.32 28.46
N ASN A 215 5.67 -24.10 27.70
CA ASN A 215 4.80 -25.18 27.23
C ASN A 215 4.62 -25.03 25.71
N PRO A 216 5.46 -25.72 24.93
CA PRO A 216 5.49 -25.49 23.48
C PRO A 216 4.28 -26.06 22.75
N MET A 217 3.77 -25.30 21.78
CA MET A 217 2.82 -25.78 20.79
C MET A 217 3.36 -25.36 19.43
N GLY A 218 3.12 -26.19 18.42
CA GLY A 218 3.58 -25.90 17.07
C GLY A 218 2.64 -26.42 16.00
N PHE A 219 2.68 -25.79 14.83
CA PHE A 219 1.86 -26.24 13.70
C PHE A 219 2.48 -25.83 12.37
N SER A 220 2.24 -26.65 11.34
CA SER A 220 2.57 -26.27 9.98
C SER A 220 1.36 -25.61 9.34
N TYR A 221 1.61 -24.70 8.40
CA TYR A 221 0.54 -24.10 7.61
C TYR A 221 0.94 -24.13 6.14
N ASP A 222 0.22 -24.92 5.36
CA ASP A 222 0.51 -25.07 3.93
C ASP A 222 -0.63 -24.49 3.11
N THR A 223 -0.35 -23.38 2.44
CA THR A 223 -1.34 -22.69 1.62
C THR A 223 -1.56 -23.46 0.34
N ARG A 224 -2.81 -23.50 -0.11
CA ARG A 224 -3.18 -24.20 -1.34
C ARG A 224 -2.76 -23.36 -2.53
N CYS A 225 -1.97 -23.97 -3.43
N CYS A 225 -1.98 -23.96 -3.45
CA CYS A 225 -1.51 -23.31 -4.66
CA CYS A 225 -1.53 -23.28 -4.67
C CYS A 225 -1.00 -21.90 -4.38
C CYS A 225 -1.00 -21.89 -4.39
N PHE A 226 0.06 -21.81 -3.58
CA PHE A 226 0.58 -20.51 -3.10
C PHE A 226 0.89 -19.51 -4.23
N ASP A 227 1.55 -19.97 -5.28
CA ASP A 227 1.93 -19.09 -6.39
C ASP A 227 0.71 -18.38 -6.98
N SER A 228 -0.42 -19.09 -7.06
CA SER A 228 -1.67 -18.51 -7.57
C SER A 228 -2.34 -17.55 -6.59
N THR A 229 -2.06 -17.67 -5.31
CA THR A 229 -2.64 -16.78 -4.30
C THR A 229 -1.90 -15.44 -4.22
N VAL A 230 -0.69 -15.39 -4.78
CA VAL A 230 0.11 -14.18 -4.80
C VAL A 230 -0.50 -13.16 -5.77
N THR A 231 -0.86 -12.00 -5.23
CA THR A 231 -1.58 -10.97 -5.99
C THR A 231 -0.63 -9.89 -6.52
N GLU A 232 -1.17 -8.98 -7.33
CA GLU A 232 -0.40 -7.82 -7.78
C GLU A 232 0.09 -7.00 -6.57
N ASN A 233 -0.81 -6.76 -5.61
CA ASN A 233 -0.45 -6.07 -4.37
C ASN A 233 0.76 -6.72 -3.71
N ASP A 234 0.72 -8.04 -3.56
CA ASP A 234 1.79 -8.77 -2.89
C ASP A 234 3.14 -8.51 -3.59
N ILE A 235 3.13 -8.58 -4.92
CA ILE A 235 4.34 -8.43 -5.71
C ILE A 235 4.87 -6.99 -5.69
N ARG A 236 3.96 -6.02 -5.64
CA ARG A 236 4.33 -4.60 -5.47
C ARG A 236 4.85 -4.30 -4.07
N VAL A 237 4.23 -4.89 -3.05
CA VAL A 237 4.71 -4.76 -1.68
C VAL A 237 6.13 -5.33 -1.57
N GLU A 238 6.32 -6.50 -2.19
CA GLU A 238 7.64 -7.12 -2.28
C GLU A 238 8.67 -6.17 -2.89
N GLU A 239 8.33 -5.53 -4.01
CA GLU A 239 9.24 -4.55 -4.61
C GLU A 239 9.57 -3.42 -3.63
N SER A 240 8.56 -2.93 -2.92
CA SER A 240 8.76 -1.81 -1.98
C SER A 240 9.78 -2.18 -0.90
N ILE A 241 9.78 -3.44 -0.48
CA ILE A 241 10.78 -3.94 0.46
C ILE A 241 12.19 -3.93 -0.17
N TYR A 242 12.31 -4.43 -1.41
CA TYR A 242 13.59 -4.39 -2.12
C TYR A 242 14.12 -2.97 -2.24
N GLN A 243 13.22 -2.02 -2.53
CA GLN A 243 13.61 -0.63 -2.76
C GLN A 243 14.02 0.12 -1.48
N CYS A 244 13.74 -0.47 -0.31
CA CYS A 244 14.26 0.08 0.96
C CYS A 244 15.78 -0.06 1.07
N CYS A 245 16.34 -1.06 0.38
CA CYS A 245 17.78 -1.29 0.39
C CYS A 245 18.57 -0.09 -0.13
N ASP A 246 19.80 0.01 0.34
CA ASP A 246 20.78 0.94 -0.24
C ASP A 246 21.24 0.33 -1.57
N LEU A 247 20.72 0.88 -2.67
CA LEU A 247 20.97 0.35 -4.00
C LEU A 247 21.57 1.41 -4.93
N ALA A 248 22.29 0.95 -5.94
CA ALA A 248 22.71 1.81 -7.03
C ALA A 248 21.47 2.28 -7.81
N PRO A 249 21.45 3.55 -8.25
CA PRO A 249 20.32 4.07 -9.03
C PRO A 249 19.92 3.17 -10.22
N GLU A 250 20.90 2.61 -10.91
CA GLU A 250 20.64 1.73 -12.05
C GLU A 250 19.95 0.42 -11.61
N ALA A 251 20.31 -0.08 -10.43
CA ALA A 251 19.65 -1.26 -9.86
C ALA A 251 18.19 -0.96 -9.51
N ARG A 252 17.94 0.20 -8.92
CA ARG A 252 16.57 0.62 -8.57
C ARG A 252 15.67 0.61 -9.80
N GLN A 253 16.17 1.15 -10.91
CA GLN A 253 15.42 1.22 -12.16
C GLN A 253 15.15 -0.18 -12.71
N ALA A 254 16.17 -1.04 -12.69
CA ALA A 254 16.04 -2.40 -13.22
C ALA A 254 15.04 -3.23 -12.40
N ILE A 255 15.06 -3.04 -11.09
CA ILE A 255 14.13 -3.74 -10.19
C ILE A 255 12.69 -3.26 -10.41
N LYS A 256 12.51 -1.96 -10.62
CA LYS A 256 11.20 -1.40 -10.96
C LYS A 256 10.70 -1.99 -12.29
N SER A 257 11.56 -1.95 -13.30
CA SER A 257 11.24 -2.47 -14.62
C SER A 257 10.86 -3.95 -14.59
N LEU A 258 11.68 -4.78 -13.95
CA LEU A 258 11.40 -6.21 -13.82
C LEU A 258 10.08 -6.47 -13.10
N THR A 259 9.79 -5.68 -12.05
CA THR A 259 8.54 -5.84 -11.32
C THR A 259 7.33 -5.55 -12.21
N GLU A 260 7.34 -4.38 -12.85
CA GLU A 260 6.24 -3.95 -13.71
C GLU A 260 6.03 -4.86 -14.92
N ARG A 261 7.13 -5.31 -15.52
CA ARG A 261 7.09 -5.98 -16.82
C ARG A 261 7.10 -7.51 -16.76
N LEU A 262 7.56 -8.07 -15.63
CA LEU A 262 7.75 -9.51 -15.51
C LEU A 262 7.11 -10.08 -14.24
N TYR A 263 7.46 -9.56 -13.07
CA TYR A 263 7.06 -10.21 -11.83
C TYR A 263 5.56 -10.11 -11.55
N ILE A 264 4.96 -8.95 -11.82
CA ILE A 264 3.52 -8.76 -11.59
C ILE A 264 2.66 -9.66 -12.50
N GLY A 265 3.12 -9.87 -13.73
CA GLY A 265 2.37 -10.69 -14.66
C GLY A 265 2.87 -10.54 -16.09
N GLY A 266 2.22 -11.25 -17.01
CA GLY A 266 2.58 -11.16 -18.41
C GLY A 266 1.98 -12.26 -19.27
N PRO A 267 2.24 -12.20 -20.59
CA PRO A 267 1.72 -13.19 -21.52
C PRO A 267 2.42 -14.52 -21.38
N LEU A 268 1.69 -15.60 -21.66
CA LEU A 268 2.20 -16.96 -21.56
C LEU A 268 2.28 -17.54 -22.96
N THR A 269 3.46 -18.04 -23.34
CA THR A 269 3.68 -18.62 -24.65
C THR A 269 4.12 -20.08 -24.51
N ASN A 270 3.54 -20.98 -25.29
CA ASN A 270 3.95 -22.39 -25.24
C ASN A 270 5.25 -22.62 -25.99
N SER A 271 5.76 -23.85 -25.95
CA SER A 271 7.01 -24.21 -26.61
C SER A 271 6.95 -24.06 -28.14
N LYS A 272 5.74 -24.04 -28.69
CA LYS A 272 5.54 -23.88 -30.14
C LYS A 272 5.38 -22.42 -30.56
N GLY A 273 5.36 -21.50 -29.60
CA GLY A 273 5.28 -20.07 -29.87
C GLY A 273 3.88 -19.51 -29.92
N GLN A 274 2.89 -20.28 -29.47
CA GLN A 274 1.50 -19.85 -29.44
C GLN A 274 1.15 -19.19 -28.10
N ASN A 275 0.33 -18.15 -28.14
CA ASN A 275 -0.15 -17.49 -26.93
C ASN A 275 -1.14 -18.36 -26.18
N CYS A 276 -0.78 -18.77 -24.97
CA CYS A 276 -1.62 -19.64 -24.14
C CYS A 276 -2.53 -18.88 -23.19
N GLY A 277 -2.16 -17.63 -22.88
CA GLY A 277 -2.96 -16.81 -21.98
C GLY A 277 -2.15 -15.74 -21.28
N TYR A 278 -2.59 -15.38 -20.08
CA TYR A 278 -1.99 -14.28 -19.32
C TYR A 278 -1.96 -14.60 -17.82
N ARG A 279 -0.85 -14.24 -17.17
CA ARG A 279 -0.61 -14.50 -15.76
C ARG A 279 -0.74 -13.22 -14.94
N ARG A 280 -1.42 -13.31 -13.80
CA ARG A 280 -1.53 -12.20 -12.84
C ARG A 280 -1.15 -12.65 -11.44
N CYS A 281 -0.24 -13.62 -11.36
CA CYS A 281 0.23 -14.16 -10.09
C CYS A 281 1.73 -14.49 -10.20
N ARG A 282 2.27 -15.13 -9.16
CA ARG A 282 3.69 -15.48 -9.13
C ARG A 282 4.08 -16.39 -10.29
N ALA A 283 5.15 -16.03 -10.99
CA ALA A 283 5.82 -16.94 -11.94
C ALA A 283 6.76 -17.84 -11.15
N SER A 284 6.70 -19.15 -11.41
CA SER A 284 7.51 -20.11 -10.66
C SER A 284 8.99 -20.07 -11.01
N GLY A 285 9.31 -19.56 -12.20
CA GLY A 285 10.67 -19.62 -12.74
C GLY A 285 11.35 -18.27 -12.92
N VAL A 286 11.21 -17.39 -11.93
CA VAL A 286 11.96 -16.13 -11.92
C VAL A 286 12.84 -16.07 -10.68
N LEU A 287 13.87 -15.23 -10.73
CA LEU A 287 14.88 -15.20 -9.68
C LEU A 287 14.28 -14.90 -8.30
N THR A 288 13.25 -14.07 -8.26
CA THR A 288 12.65 -13.61 -7.00
C THR A 288 11.56 -14.53 -6.45
N THR A 289 11.32 -15.67 -7.10
CA THR A 289 10.26 -16.59 -6.66
C THR A 289 10.44 -17.05 -5.20
N SER A 290 11.63 -17.54 -4.86
CA SER A 290 11.89 -18.05 -3.52
C SER A 290 11.87 -16.93 -2.48
N CYS A 291 12.63 -15.87 -2.73
CA CYS A 291 12.70 -14.72 -1.84
C CYS A 291 11.34 -14.06 -1.69
N GLY A 292 10.67 -13.83 -2.81
CA GLY A 292 9.33 -13.22 -2.82
C GLY A 292 8.31 -14.04 -2.03
N ASN A 293 8.28 -15.35 -2.26
CA ASN A 293 7.36 -16.23 -1.53
C ASN A 293 7.66 -16.24 -0.03
N THR A 294 8.94 -16.25 0.33
CA THR A 294 9.35 -16.26 1.74
C THR A 294 8.92 -14.97 2.45
N LEU A 295 9.21 -13.83 1.83
CA LEU A 295 8.78 -12.53 2.37
C LEU A 295 7.27 -12.42 2.51
N THR A 296 6.54 -12.82 1.48
CA THR A 296 5.08 -12.72 1.47
C THR A 296 4.44 -13.65 2.49
N CYS A 297 4.93 -14.88 2.56
CA CYS A 297 4.46 -15.84 3.57
C CYS A 297 4.76 -15.34 4.98
N TYR A 298 5.97 -14.82 5.19
CA TYR A 298 6.38 -14.29 6.50
C TYR A 298 5.50 -13.10 6.93
N LEU A 299 5.27 -12.20 5.98
CA LEU A 299 4.43 -11.01 6.22
C LEU A 299 3.00 -11.42 6.62
N LYS A 300 2.36 -12.22 5.79
CA LYS A 300 0.98 -12.64 6.03
C LYS A 300 0.84 -13.46 7.32
N ALA A 301 1.78 -14.36 7.57
CA ALA A 301 1.75 -15.23 8.75
C ALA A 301 2.06 -14.48 10.04
N SER A 302 3.03 -13.57 10.00
CA SER A 302 3.34 -12.73 11.16
C SER A 302 2.13 -11.90 11.59
N ALA A 303 1.47 -11.29 10.60
CA ALA A 303 0.24 -10.54 10.84
C ALA A 303 -0.87 -11.44 11.39
N ALA A 304 -0.99 -12.65 10.83
CA ALA A 304 -2.00 -13.61 11.29
C ALA A 304 -1.77 -14.10 12.72
N CYS A 305 -0.50 -14.24 13.13
CA CYS A 305 -0.16 -14.54 14.52
C CYS A 305 -0.69 -13.48 15.48
N ARG A 306 -0.57 -12.21 15.09
CA ARG A 306 -1.04 -11.10 15.92
C ARG A 306 -2.57 -11.09 16.02
N ALA A 307 -3.25 -11.34 14.90
CA ALA A 307 -4.71 -11.45 14.91
C ALA A 307 -5.18 -12.57 15.83
N ALA A 308 -4.46 -13.70 15.81
CA ALA A 308 -4.80 -14.87 16.64
C ALA A 308 -4.28 -14.76 18.07
N LYS A 309 -3.54 -13.70 18.38
CA LYS A 309 -3.00 -13.47 19.72
C LYS A 309 -2.16 -14.64 20.22
N LEU A 310 -1.35 -15.21 19.33
CA LEU A 310 -0.44 -16.30 19.69
C LEU A 310 0.76 -15.71 20.44
N GLN A 311 1.13 -16.36 21.56
CA GLN A 311 2.10 -15.80 22.49
C GLN A 311 3.52 -16.34 22.24
N ASP A 312 4.48 -15.42 22.16
CA ASP A 312 5.90 -15.76 22.02
C ASP A 312 6.16 -16.65 20.81
N CYS A 313 5.70 -16.18 19.65
CA CYS A 313 5.84 -16.93 18.39
C CYS A 313 7.28 -16.93 17.89
N THR A 314 7.73 -18.12 17.46
CA THR A 314 8.92 -18.26 16.64
C THR A 314 8.47 -18.93 15.35
N MET A 315 8.60 -18.22 14.24
CA MET A 315 8.20 -18.74 12.95
C MET A 315 9.41 -19.23 12.17
N LEU A 316 9.20 -20.23 11.33
CA LEU A 316 10.22 -20.71 10.41
C LEU A 316 9.59 -20.78 9.04
N VAL A 317 10.17 -20.06 8.09
CA VAL A 317 9.59 -19.90 6.76
C VAL A 317 10.62 -20.21 5.68
N TYR A 318 10.19 -20.99 4.70
CA TYR A 318 10.99 -21.26 3.51
CA TYR A 318 10.99 -21.27 3.50
C TYR A 318 10.05 -21.31 2.30
N GLY A 319 10.13 -20.29 1.46
CA GLY A 319 9.21 -20.16 0.34
C GLY A 319 7.78 -20.09 0.89
N ASP A 320 6.92 -20.96 0.39
CA ASP A 320 5.53 -21.00 0.86
C ASP A 320 5.32 -21.95 2.05
N ASP A 321 6.39 -22.55 2.55
CA ASP A 321 6.30 -23.49 3.68
C ASP A 321 6.48 -22.74 5.00
N LEU A 322 5.57 -23.01 5.95
CA LEU A 322 5.49 -22.25 7.20
C LEU A 322 5.29 -23.15 8.41
N VAL A 323 6.08 -22.92 9.46
CA VAL A 323 5.87 -23.52 10.76
C VAL A 323 5.97 -22.44 11.84
N VAL A 324 5.04 -22.45 12.78
CA VAL A 324 5.08 -21.56 13.93
C VAL A 324 5.18 -22.40 15.20
N ILE A 325 6.13 -22.05 16.06
CA ILE A 325 6.25 -22.66 17.39
C ILE A 325 6.01 -21.54 18.39
N CYS A 326 5.12 -21.78 19.35
CA CYS A 326 4.71 -20.74 20.30
C CYS A 326 4.37 -21.29 21.67
N GLU A 327 4.04 -20.38 22.58
CA GLU A 327 3.66 -20.72 23.95
C GLU A 327 2.20 -21.18 23.98
N SER A 328 1.94 -22.36 24.54
CA SER A 328 0.58 -22.90 24.61
C SER A 328 -0.28 -22.17 25.63
N ALA A 329 -1.54 -21.92 25.28
CA ALA A 329 -2.52 -21.34 26.18
C ALA A 329 -3.54 -22.38 26.64
N GLY A 330 -3.25 -23.66 26.38
CA GLY A 330 -4.18 -24.76 26.66
C GLY A 330 -4.69 -25.35 25.37
N THR A 331 -5.10 -26.62 25.42
CA THR A 331 -5.49 -27.35 24.21
C THR A 331 -6.68 -26.71 23.50
N GLN A 332 -7.76 -26.44 24.22
CA GLN A 332 -8.95 -25.80 23.65
C GLN A 332 -8.62 -24.40 23.13
N GLU A 333 -7.84 -23.66 23.90
CA GLU A 333 -7.47 -22.29 23.56
C GLU A 333 -6.59 -22.23 22.31
N ASP A 334 -5.63 -23.16 22.22
CA ASP A 334 -4.74 -23.27 21.06
C ASP A 334 -5.52 -23.59 19.78
N ALA A 335 -6.42 -24.58 19.86
CA ALA A 335 -7.23 -24.96 18.71
C ALA A 335 -8.06 -23.78 18.21
N ALA A 336 -8.69 -23.06 19.14
CA ALA A 336 -9.46 -21.87 18.80
C ALA A 336 -8.59 -20.79 18.12
N SER A 337 -7.38 -20.58 18.63
CA SER A 337 -6.48 -19.56 18.09
C SER A 337 -6.03 -19.89 16.66
N LEU A 338 -5.83 -21.17 16.36
CA LEU A 338 -5.49 -21.61 15.00
C LEU A 338 -6.61 -21.31 13.99
N ARG A 339 -7.86 -21.38 14.45
CA ARG A 339 -9.00 -21.04 13.59
C ARG A 339 -8.94 -19.56 13.20
N VAL A 340 -8.61 -18.70 14.16
CA VAL A 340 -8.46 -17.26 13.90
C VAL A 340 -7.27 -17.00 12.98
N PHE A 341 -6.17 -17.70 13.22
CA PHE A 341 -4.98 -17.61 12.36
C PHE A 341 -5.33 -17.89 10.90
N THR A 342 -6.07 -18.98 10.67
CA THR A 342 -6.45 -19.40 9.32
C THR A 342 -7.42 -18.41 8.68
N GLU A 343 -8.34 -17.86 9.48
CA GLU A 343 -9.25 -16.82 9.03
C GLU A 343 -8.52 -15.56 8.57
N ALA A 344 -7.48 -15.18 9.30
CA ALA A 344 -6.64 -14.02 8.92
C ALA A 344 -5.84 -14.29 7.65
N MET A 345 -5.20 -15.45 7.59
CA MET A 345 -4.45 -15.85 6.40
C MET A 345 -5.34 -15.85 5.16
N THR A 346 -6.56 -16.32 5.32
CA THR A 346 -7.51 -16.39 4.21
C THR A 346 -7.90 -14.99 3.72
N ARG A 347 -8.12 -14.06 4.64
CA ARG A 347 -8.38 -12.66 4.27
C ARG A 347 -7.21 -12.06 3.49
N TYR A 348 -5.99 -12.48 3.81
CA TYR A 348 -4.79 -12.03 3.09
C TYR A 348 -4.58 -12.78 1.75
N SER A 349 -5.50 -13.70 1.43
CA SER A 349 -5.59 -14.43 0.15
C SER A 349 -5.01 -15.86 0.20
N ALA A 350 -4.51 -16.28 1.35
CA ALA A 350 -3.78 -17.55 1.47
C ALA A 350 -4.50 -18.58 2.35
N PRO A 351 -5.60 -19.17 1.85
CA PRO A 351 -6.26 -20.23 2.62
C PRO A 351 -5.43 -21.52 2.60
N PRO A 352 -5.66 -22.42 3.56
CA PRO A 352 -4.86 -23.64 3.65
C PRO A 352 -5.41 -24.76 2.78
N GLY A 353 -4.55 -25.70 2.41
CA GLY A 353 -4.99 -26.93 1.74
C GLY A 353 -5.75 -27.80 2.71
N ASP A 354 -5.12 -28.07 3.85
CA ASP A 354 -5.78 -28.73 4.97
C ASP A 354 -5.66 -27.82 6.20
N PRO A 355 -6.72 -27.73 7.02
CA PRO A 355 -6.66 -26.88 8.21
C PRO A 355 -5.47 -27.22 9.12
N PRO A 356 -4.82 -26.20 9.71
CA PRO A 356 -3.67 -26.48 10.56
C PRO A 356 -4.04 -27.19 11.85
N GLN A 357 -3.15 -28.06 12.32
CA GLN A 357 -3.38 -28.84 13.53
C GLN A 357 -2.30 -28.52 14.56
N PRO A 358 -2.71 -28.17 15.79
CA PRO A 358 -1.73 -27.92 16.83
C PRO A 358 -1.07 -29.22 17.30
N GLU A 359 0.25 -29.18 17.49
CA GLU A 359 1.01 -30.35 17.93
C GLU A 359 1.80 -30.02 19.19
N TYR A 360 1.88 -31.00 20.09
CA TYR A 360 2.58 -30.83 21.37
C TYR A 360 3.79 -31.77 21.46
N ASP A 361 4.22 -32.25 20.30
CA ASP A 361 5.46 -33.01 20.14
C ASP A 361 6.11 -32.54 18.85
N LEU A 362 7.36 -32.09 18.94
CA LEU A 362 8.08 -31.55 17.77
C LEU A 362 8.10 -32.50 16.57
N GLU A 363 8.22 -33.80 16.84
CA GLU A 363 8.36 -34.81 15.79
C GLU A 363 7.10 -35.01 14.93
N LEU A 364 5.94 -34.56 15.42
CA LEU A 364 4.67 -34.72 14.70
C LEU A 364 4.37 -33.60 13.71
N ILE A 365 5.22 -32.58 13.67
CA ILE A 365 5.06 -31.47 12.72
C ILE A 365 5.83 -31.80 11.44
N THR A 366 5.12 -31.76 10.31
CA THR A 366 5.74 -31.98 9.00
C THR A 366 5.75 -30.69 8.19
N SER A 367 6.91 -30.36 7.63
CA SER A 367 7.08 -29.18 6.78
C SER A 367 8.21 -29.42 5.78
N CYS A 368 8.06 -28.90 4.56
CA CYS A 368 8.96 -29.24 3.45
CA CYS A 368 8.94 -29.25 3.45
C CYS A 368 9.05 -30.76 3.34
N SER A 369 7.92 -31.44 3.49
CA SER A 369 7.81 -32.91 3.46
C SER A 369 8.64 -33.63 4.55
N SER A 370 9.18 -32.88 5.50
CA SER A 370 10.13 -33.43 6.47
C SER A 370 9.66 -33.30 7.91
N ASN A 371 10.21 -34.15 8.78
CA ASN A 371 9.95 -34.08 10.22
C ASN A 371 11.23 -34.38 10.99
N VAL A 372 11.29 -33.90 12.22
CA VAL A 372 12.39 -34.21 13.12
C VAL A 372 12.19 -35.60 13.72
N SER A 373 13.27 -36.36 13.82
CA SER A 373 13.26 -37.66 14.50
C SER A 373 14.54 -37.79 15.29
N VAL A 374 14.64 -38.85 16.09
CA VAL A 374 15.79 -39.05 16.97
C VAL A 374 16.46 -40.40 16.75
N ALA A 375 17.79 -40.37 16.71
CA ALA A 375 18.60 -41.58 16.71
C ALA A 375 19.63 -41.44 17.82
N HIS A 376 20.61 -42.35 17.86
CA HIS A 376 21.65 -42.31 18.88
C HIS A 376 23.02 -42.47 18.23
N ASP A 377 24.00 -41.73 18.74
CA ASP A 377 25.38 -41.83 18.25
C ASP A 377 26.09 -43.03 18.88
N ALA A 378 27.37 -43.20 18.59
CA ALA A 378 28.14 -44.33 19.10
C ALA A 378 28.12 -44.44 20.62
N SER A 379 28.17 -43.30 21.31
CA SER A 379 28.18 -43.25 22.77
CA SER A 379 28.17 -43.26 22.78
C SER A 379 26.77 -43.44 23.37
N GLY A 380 25.76 -43.47 22.52
CA GLY A 380 24.38 -43.65 22.97
C GLY A 380 23.63 -42.35 23.22
N LYS A 381 24.27 -41.21 22.93
CA LYS A 381 23.63 -39.91 23.09
C LYS A 381 22.61 -39.68 21.99
N ARG A 382 21.50 -39.03 22.34
CA ARG A 382 20.46 -38.71 21.38
C ARG A 382 20.94 -37.66 20.38
N VAL A 383 20.71 -37.94 19.09
CA VAL A 383 21.01 -37.01 18.02
C VAL A 383 19.74 -36.79 17.20
N TYR A 384 19.33 -35.53 17.08
CA TYR A 384 18.15 -35.20 16.27
C TYR A 384 18.57 -35.01 14.83
N TYR A 385 17.65 -35.29 13.91
CA TYR A 385 17.91 -35.16 12.48
C TYR A 385 16.59 -35.06 11.73
N LEU A 386 16.65 -34.46 10.54
CA LEU A 386 15.47 -34.33 9.69
C LEU A 386 15.36 -35.52 8.75
N THR A 387 14.17 -36.11 8.71
CA THR A 387 13.89 -37.23 7.82
C THR A 387 12.61 -36.95 7.04
N ARG A 388 12.20 -37.92 6.23
CA ARG A 388 10.94 -37.83 5.51
C ARG A 388 10.47 -39.21 5.09
N ASP A 389 9.24 -39.29 4.62
CA ASP A 389 8.73 -40.50 3.99
C ASP A 389 9.58 -40.74 2.74
N PRO A 390 10.17 -41.95 2.60
CA PRO A 390 11.12 -42.20 1.52
C PRO A 390 10.48 -42.61 0.18
N THR A 391 9.15 -42.57 0.08
CA THR A 391 8.47 -43.07 -1.11
C THR A 391 8.88 -42.34 -2.40
N THR A 392 8.83 -41.01 -2.39
CA THR A 392 9.18 -40.23 -3.58
C THR A 392 10.69 -40.31 -3.90
N PRO A 393 11.56 -40.16 -2.88
CA PRO A 393 12.98 -40.42 -3.12
C PRO A 393 13.28 -41.78 -3.78
N LEU A 394 12.62 -42.84 -3.31
CA LEU A 394 12.83 -44.18 -3.86
C LEU A 394 12.22 -44.35 -5.25
N ALA A 395 11.06 -43.77 -5.48
CA ALA A 395 10.44 -43.78 -6.81
C ALA A 395 11.36 -43.11 -7.84
N ARG A 396 11.91 -41.96 -7.46
CA ARG A 396 12.83 -41.23 -8.34
C ARG A 396 14.16 -41.96 -8.52
N ALA A 397 14.64 -42.60 -7.46
CA ALA A 397 15.85 -43.43 -7.56
C ALA A 397 15.68 -44.56 -8.59
N ALA A 398 14.50 -45.19 -8.61
CA ALA A 398 14.21 -46.26 -9.57
C ALA A 398 14.25 -45.76 -11.01
N TRP A 399 13.64 -44.59 -11.25
CA TRP A 399 13.67 -43.96 -12.57
C TRP A 399 15.10 -43.64 -13.00
N GLU A 400 15.88 -43.07 -12.07
CA GLU A 400 17.26 -42.68 -12.34
C GLU A 400 18.22 -43.87 -12.47
N THR A 401 17.81 -45.03 -11.97
CA THR A 401 18.58 -46.26 -12.15
C THR A 401 18.57 -46.69 -13.63
N ALA A 402 17.47 -46.42 -14.34
CA ALA A 402 17.32 -46.83 -15.74
C ALA A 402 17.49 -45.68 -16.75
N ARG A 403 17.33 -44.43 -16.30
CA ARG A 403 17.41 -43.25 -17.17
C ARG A 403 18.31 -42.17 -16.61
N HIS A 404 19.21 -41.66 -17.42
CA HIS A 404 19.98 -40.46 -17.07
C HIS A 404 19.07 -39.23 -17.13
N THR A 405 19.06 -38.44 -16.06
CA THR A 405 18.20 -37.28 -15.96
C THR A 405 19.01 -35.99 -15.73
N PRO A 406 18.44 -34.82 -16.10
CA PRO A 406 19.09 -33.52 -15.86
C PRO A 406 19.56 -33.34 -14.41
N VAL A 407 18.70 -33.68 -13.45
CA VAL A 407 19.03 -33.60 -12.04
C VAL A 407 19.04 -35.01 -11.44
N ASN A 408 20.06 -35.30 -10.65
CA ASN A 408 20.19 -36.58 -9.97
C ASN A 408 19.64 -36.45 -8.56
N SER A 409 18.33 -36.69 -8.41
CA SER A 409 17.67 -36.53 -7.12
C SER A 409 18.26 -37.43 -6.04
N TRP A 410 18.74 -38.61 -6.44
CA TRP A 410 19.36 -39.54 -5.49
C TRP A 410 20.58 -38.94 -4.78
N LEU A 411 21.38 -38.19 -5.51
CA LEU A 411 22.57 -37.55 -4.95
C LEU A 411 22.18 -36.44 -3.99
N GLY A 412 21.25 -35.59 -4.42
CA GLY A 412 20.71 -34.54 -3.57
C GLY A 412 20.11 -35.10 -2.28
N ASN A 413 19.39 -36.21 -2.40
CA ASN A 413 18.76 -36.86 -1.25
C ASN A 413 19.78 -37.48 -0.29
N ILE A 414 20.83 -38.09 -0.82
CA ILE A 414 21.91 -38.62 0.02
C ILE A 414 22.54 -37.50 0.85
N ILE A 415 22.78 -36.37 0.21
CA ILE A 415 23.43 -35.22 0.88
C ILE A 415 22.54 -34.61 1.96
N MET A 416 21.29 -34.33 1.63
CA MET A 416 20.40 -33.62 2.54
CA MET A 416 20.38 -33.63 2.54
C MET A 416 19.76 -34.55 3.59
N TYR A 417 19.63 -35.84 3.27
CA TYR A 417 19.08 -36.81 4.23
C TYR A 417 20.11 -37.89 4.63
N ALA A 418 21.39 -37.51 4.59
CA ALA A 418 22.50 -38.42 4.91
C ALA A 418 22.37 -39.16 6.25
N PRO A 419 21.85 -38.49 7.29
CA PRO A 419 21.69 -39.19 8.58
C PRO A 419 20.57 -40.24 8.64
N THR A 420 19.65 -40.25 7.66
CA THR A 420 18.50 -41.14 7.71
C THR A 420 18.89 -42.60 7.43
N LEU A 421 18.11 -43.53 7.97
CA LEU A 421 18.40 -44.95 7.77
C LEU A 421 18.13 -45.40 6.33
N TRP A 422 17.19 -44.75 5.65
CA TRP A 422 16.83 -45.12 4.28
C TRP A 422 17.85 -44.59 3.25
N ALA A 423 18.36 -43.38 3.46
CA ALA A 423 19.41 -42.84 2.58
C ALA A 423 20.72 -43.61 2.71
N ARG A 424 21.06 -43.99 3.93
CA ARG A 424 22.30 -44.74 4.20
C ARG A 424 22.22 -46.18 3.71
N MET A 425 21.13 -46.86 4.03
CA MET A 425 21.03 -48.29 3.77
C MET A 425 20.66 -48.60 2.32
N ILE A 426 19.81 -47.76 1.72
CA ILE A 426 19.31 -48.02 0.36
C ILE A 426 20.01 -47.16 -0.72
N LEU A 427 19.88 -45.84 -0.62
CA LEU A 427 20.41 -44.96 -1.67
C LEU A 427 21.93 -45.04 -1.82
N MET A 428 22.65 -44.94 -0.70
CA MET A 428 24.10 -45.02 -0.74
C MET A 428 24.55 -46.37 -1.30
N THR A 429 23.96 -47.45 -0.79
CA THR A 429 24.32 -48.81 -1.19
C THR A 429 24.03 -49.07 -2.67
N HIS A 430 22.86 -48.63 -3.13
CA HIS A 430 22.43 -48.86 -4.51
C HIS A 430 23.31 -48.13 -5.52
N PHE A 431 23.47 -46.82 -5.33
CA PHE A 431 24.17 -46.01 -6.32
C PHE A 431 25.68 -46.15 -6.31
N PHE A 432 26.30 -46.39 -5.15
CA PHE A 432 27.74 -46.69 -5.14
C PHE A 432 28.07 -48.00 -5.85
N SER A 433 27.16 -48.98 -5.75
CA SER A 433 27.32 -50.23 -6.52
C SER A 433 27.28 -49.94 -8.02
N ILE A 434 26.36 -49.08 -8.44
CA ILE A 434 26.24 -48.67 -9.85
C ILE A 434 27.48 -47.91 -10.30
N LEU A 435 27.94 -46.96 -9.48
CA LEU A 435 29.12 -46.16 -9.81
C LEU A 435 30.39 -47.01 -9.88
N LEU A 436 30.51 -47.96 -8.96
CA LEU A 436 31.62 -48.92 -8.97
C LEU A 436 31.67 -49.71 -10.28
N ALA A 437 30.52 -50.25 -10.68
CA ALA A 437 30.43 -51.08 -11.88
C ALA A 437 30.83 -50.33 -13.16
N GLN A 438 30.55 -49.03 -13.22
CA GLN A 438 30.88 -48.22 -14.39
C GLN A 438 32.17 -47.41 -14.23
N GLU A 439 32.82 -47.53 -13.08
CA GLU A 439 34.01 -46.74 -12.74
C GLU A 439 33.76 -45.24 -12.94
N GLN A 440 32.66 -44.76 -12.35
CA GLN A 440 32.25 -43.36 -12.48
C GLN A 440 32.18 -42.66 -11.12
N LEU A 441 32.93 -43.14 -10.14
CA LEU A 441 32.96 -42.53 -8.81
C LEU A 441 33.49 -41.09 -8.87
N GLU A 442 34.41 -40.83 -9.81
CA GLU A 442 35.04 -39.52 -9.95
C GLU A 442 34.30 -38.58 -10.90
N LYS A 443 33.25 -39.08 -11.57
CA LYS A 443 32.48 -38.25 -12.50
C LYS A 443 31.54 -37.30 -11.76
N ALA A 444 31.75 -36.00 -11.94
CA ALA A 444 30.89 -34.99 -11.33
C ALA A 444 29.48 -35.08 -11.91
N LEU A 445 28.48 -34.93 -11.05
CA LEU A 445 27.07 -35.02 -11.44
C LEU A 445 26.31 -33.79 -10.99
N ASP A 446 25.31 -33.39 -11.79
CA ASP A 446 24.44 -32.27 -11.45
C ASP A 446 23.37 -32.69 -10.45
N CYS A 447 23.20 -31.89 -9.40
CA CYS A 447 22.11 -32.08 -8.45
C CYS A 447 21.64 -30.73 -7.91
N GLN A 448 20.52 -30.72 -7.20
CA GLN A 448 19.96 -29.48 -6.68
C GLN A 448 19.82 -29.50 -5.16
N ILE A 449 20.41 -28.51 -4.51
CA ILE A 449 20.26 -28.30 -3.07
C ILE A 449 19.64 -26.92 -2.83
N TYR A 450 18.47 -26.91 -2.19
CA TYR A 450 17.70 -25.67 -1.95
C TYR A 450 17.39 -24.92 -3.24
N GLY A 451 17.06 -25.65 -4.31
CA GLY A 451 16.70 -25.05 -5.59
C GLY A 451 17.88 -24.63 -6.48
N ALA A 452 19.09 -24.63 -5.92
CA ALA A 452 20.29 -24.22 -6.67
C ALA A 452 20.99 -25.46 -7.22
N CYS A 453 21.59 -25.33 -8.40
CA CYS A 453 22.27 -26.45 -9.04
C CYS A 453 23.73 -26.56 -8.59
N TYR A 454 24.15 -27.79 -8.28
CA TYR A 454 25.52 -28.06 -7.87
C TYR A 454 26.12 -29.20 -8.69
N SER A 455 27.40 -29.08 -9.02
CA SER A 455 28.14 -30.16 -9.68
C SER A 455 29.03 -30.83 -8.64
N ILE A 456 28.73 -32.10 -8.33
CA ILE A 456 29.35 -32.79 -7.20
C ILE A 456 29.82 -34.20 -7.60
N GLU A 457 31.08 -34.51 -7.25
CA GLU A 457 31.61 -35.86 -7.44
C GLU A 457 31.19 -36.72 -6.25
N PRO A 458 30.66 -37.93 -6.52
CA PRO A 458 30.30 -38.87 -5.45
C PRO A 458 31.42 -39.12 -4.41
N LEU A 459 32.68 -39.12 -4.87
CA LEU A 459 33.82 -39.36 -3.97
C LEU A 459 34.00 -38.29 -2.88
N ASP A 460 33.42 -37.10 -3.08
CA ASP A 460 33.50 -36.02 -2.09
C ASP A 460 32.37 -36.05 -1.05
N LEU A 461 31.49 -37.05 -1.12
CA LEU A 461 30.35 -37.13 -0.20
C LEU A 461 30.70 -37.19 1.29
N PRO A 462 31.75 -37.94 1.66
CA PRO A 462 32.09 -38.00 3.10
C PRO A 462 32.35 -36.61 3.71
N GLN A 463 33.14 -35.78 3.03
CA GLN A 463 33.43 -34.43 3.51
C GLN A 463 32.20 -33.54 3.52
N ILE A 464 31.39 -33.66 2.47
CA ILE A 464 30.16 -32.87 2.36
C ILE A 464 29.17 -33.20 3.48
N ILE A 465 29.01 -34.51 3.74
CA ILE A 465 28.11 -34.97 4.80
C ILE A 465 28.57 -34.53 6.20
N GLU A 466 29.87 -34.66 6.46
CA GLU A 466 30.46 -34.21 7.73
C GLU A 466 30.18 -32.73 8.00
N ARG A 467 30.37 -31.90 6.99
CA ARG A 467 30.18 -30.45 7.12
C ARG A 467 28.72 -30.05 7.31
N LEU A 468 27.79 -30.78 6.68
CA LEU A 468 26.35 -30.45 6.74
C LEU A 468 25.64 -31.07 7.93
N HIS A 469 26.10 -32.22 8.41
CA HIS A 469 25.41 -32.97 9.47
C HIS A 469 26.25 -33.28 10.70
N GLY A 470 27.57 -33.11 10.60
CA GLY A 470 28.49 -33.55 11.65
C GLY A 470 28.92 -34.99 11.46
N LEU A 471 29.94 -35.40 12.19
CA LEU A 471 30.51 -36.74 12.09
C LEU A 471 29.53 -37.84 12.54
N SER A 472 28.59 -37.48 13.40
CA SER A 472 27.59 -38.41 13.92
C SER A 472 26.72 -39.08 12.84
N ALA A 473 26.61 -38.43 11.68
CA ALA A 473 25.85 -38.99 10.54
C ALA A 473 26.36 -40.35 10.06
N PHE A 474 27.62 -40.66 10.38
CA PHE A 474 28.24 -41.94 10.01
C PHE A 474 28.15 -43.01 11.10
N SER A 475 27.60 -42.67 12.26
CA SER A 475 27.51 -43.62 13.37
C SER A 475 26.13 -43.69 14.05
N LEU A 476 25.11 -43.05 13.45
CA LEU A 476 23.77 -43.09 14.05
C LEU A 476 23.21 -44.51 14.05
N HIS A 477 22.54 -44.86 15.14
CA HIS A 477 21.90 -46.17 15.28
C HIS A 477 20.73 -46.06 16.26
N SER A 478 20.05 -47.18 16.49
CA SER A 478 18.88 -47.20 17.36
C SER A 478 17.89 -46.10 16.96
N TYR A 479 17.46 -46.17 15.70
CA TYR A 479 16.44 -45.27 15.17
C TYR A 479 15.11 -45.56 15.87
N SER A 480 14.16 -44.63 15.81
CA SER A 480 12.89 -44.79 16.50
C SER A 480 12.02 -45.86 15.82
N PRO A 481 11.18 -46.58 16.61
CA PRO A 481 10.26 -47.57 16.05
C PRO A 481 9.35 -47.01 14.95
N GLY A 482 8.90 -45.77 15.11
CA GLY A 482 8.02 -45.12 14.13
C GLY A 482 8.71 -44.86 12.81
N GLU A 483 9.95 -44.39 12.85
CA GLU A 483 10.74 -44.16 11.64
C GLU A 483 11.04 -45.47 10.93
N ILE A 484 11.49 -46.47 11.68
CA ILE A 484 11.78 -47.79 11.11
C ILE A 484 10.53 -48.39 10.47
N ASN A 485 9.40 -48.31 11.16
CA ASN A 485 8.14 -48.83 10.63
C ASN A 485 7.67 -48.10 9.36
N ARG A 486 7.83 -46.79 9.31
CA ARG A 486 7.50 -46.03 8.11
C ARG A 486 8.35 -46.48 6.93
N VAL A 487 9.65 -46.66 7.15
CA VAL A 487 10.55 -47.12 6.11
C VAL A 487 10.16 -48.51 5.65
N ALA A 488 10.07 -49.45 6.60
CA ALA A 488 9.70 -50.84 6.29
C ALA A 488 8.38 -50.93 5.51
N SER A 489 7.40 -50.12 5.92
CA SER A 489 6.10 -50.08 5.24
C SER A 489 6.21 -49.59 3.80
N CYS A 490 7.03 -48.57 3.58
N CYS A 490 7.04 -48.57 3.57
CA CYS A 490 7.26 -48.02 2.24
CA CYS A 490 7.23 -48.03 2.23
C CYS A 490 7.94 -49.03 1.32
C CYS A 490 7.96 -49.01 1.30
N LEU A 491 8.88 -49.79 1.86
CA LEU A 491 9.60 -50.80 1.08
C LEU A 491 8.65 -51.91 0.61
N ARG A 492 7.75 -52.36 1.50
CA ARG A 492 6.74 -53.35 1.13
C ARG A 492 5.78 -52.81 0.07
N LYS A 493 5.41 -51.53 0.20
CA LYS A 493 4.52 -50.86 -0.75
C LYS A 493 5.08 -50.85 -2.18
N LEU A 494 6.35 -50.45 -2.30
CA LEU A 494 7.00 -50.30 -3.61
C LEU A 494 7.63 -51.59 -4.13
N GLY A 495 7.68 -52.63 -3.30
CA GLY A 495 8.35 -53.88 -3.66
C GLY A 495 9.86 -53.73 -3.65
N VAL A 496 10.36 -52.95 -2.69
CA VAL A 496 11.80 -52.80 -2.49
C VAL A 496 12.24 -53.89 -1.52
N PRO A 497 13.43 -54.48 -1.75
CA PRO A 497 13.92 -55.49 -0.81
C PRO A 497 14.06 -54.96 0.63
N PRO A 498 13.84 -55.83 1.63
CA PRO A 498 13.89 -55.40 3.03
C PRO A 498 15.29 -54.95 3.47
N LEU A 499 15.35 -54.17 4.53
CA LEU A 499 16.61 -53.59 5.00
C LEU A 499 17.72 -54.62 5.25
N ARG A 500 17.34 -55.82 5.68
CA ARG A 500 18.30 -56.90 5.89
C ARG A 500 19.08 -57.25 4.62
N VAL A 501 18.43 -57.16 3.46
CA VAL A 501 19.09 -57.41 2.18
C VAL A 501 20.09 -56.31 1.86
N TRP A 502 19.72 -55.07 2.15
CA TRP A 502 20.58 -53.92 1.89
C TRP A 502 21.83 -53.93 2.75
N ARG A 503 21.72 -54.41 3.99
CA ARG A 503 22.88 -54.56 4.86
C ARG A 503 23.89 -55.55 4.26
N HIS A 504 23.38 -56.67 3.75
CA HIS A 504 24.23 -57.66 3.08
C HIS A 504 24.90 -57.07 1.83
N ARG A 505 24.14 -56.30 1.06
CA ARG A 505 24.69 -55.64 -0.13
C ARG A 505 25.74 -54.58 0.22
N ALA A 506 25.53 -53.85 1.31
CA ALA A 506 26.44 -52.79 1.73
C ALA A 506 27.82 -53.30 2.13
N ARG A 507 27.87 -54.47 2.76
CA ARG A 507 29.14 -55.12 3.09
C ARG A 507 29.97 -55.37 1.83
N SER A 508 29.31 -55.81 0.75
CA SER A 508 29.96 -56.02 -0.54
C SER A 508 30.47 -54.72 -1.13
N VAL A 509 29.59 -53.71 -1.18
CA VAL A 509 29.94 -52.40 -1.72
C VAL A 509 31.08 -51.76 -0.93
N ARG A 510 31.01 -51.86 0.40
CA ARG A 510 32.09 -51.40 1.27
C ARG A 510 33.42 -52.08 0.92
N ALA A 511 33.38 -53.40 0.85
CA ALA A 511 34.58 -54.19 0.54
C ALA A 511 35.15 -53.82 -0.82
N ARG A 512 34.28 -53.62 -1.80
CA ARG A 512 34.70 -53.20 -3.14
C ARG A 512 35.34 -51.82 -3.13
N LEU A 513 34.79 -50.91 -2.32
CA LEU A 513 35.33 -49.54 -2.20
C LEU A 513 36.68 -49.50 -1.48
N LEU A 514 36.79 -50.24 -0.38
CA LEU A 514 38.06 -50.33 0.36
C LEU A 514 39.18 -50.89 -0.53
N SER A 515 38.84 -51.87 -1.37
CA SER A 515 39.81 -52.49 -2.28
C SER A 515 40.46 -51.52 -3.27
N GLN A 516 39.76 -50.44 -3.61
CA GLN A 516 40.28 -49.46 -4.58
C GLN A 516 41.18 -48.39 -3.96
N GLY A 517 41.20 -48.29 -2.64
CA GLY A 517 42.04 -47.33 -1.94
C GLY A 517 41.62 -45.88 -2.16
N GLY A 518 42.45 -44.95 -1.69
CA GLY A 518 42.23 -43.52 -1.93
C GLY A 518 40.90 -43.00 -1.42
N ARG A 519 40.34 -42.03 -2.14
CA ARG A 519 39.04 -41.44 -1.79
C ARG A 519 37.89 -42.46 -1.85
N ALA A 520 38.03 -43.47 -2.72
CA ALA A 520 37.05 -44.55 -2.80
C ALA A 520 36.98 -45.32 -1.48
N ALA A 521 38.14 -45.65 -0.93
CA ALA A 521 38.23 -46.35 0.35
C ALA A 521 37.67 -45.52 1.51
N THR A 522 37.89 -44.20 1.44
CA THR A 522 37.31 -43.27 2.41
C THR A 522 35.78 -43.29 2.38
N CYS A 523 35.20 -43.39 1.19
CA CYS A 523 33.75 -43.58 1.06
C CYS A 523 33.31 -44.88 1.72
N GLY A 524 34.05 -45.96 1.45
CA GLY A 524 33.76 -47.26 2.06
C GLY A 524 33.80 -47.19 3.58
N LYS A 525 34.83 -46.53 4.12
CA LYS A 525 35.04 -46.46 5.56
C LYS A 525 33.96 -45.68 6.30
N TYR A 526 33.62 -44.50 5.79
CA TYR A 526 32.71 -43.59 6.51
C TYR A 526 31.24 -43.82 6.15
N LEU A 527 30.94 -43.93 4.86
CA LEU A 527 29.54 -44.07 4.43
C LEU A 527 28.93 -45.42 4.83
N PHE A 528 29.76 -46.46 4.92
CA PHE A 528 29.25 -47.82 5.16
C PHE A 528 29.74 -48.47 6.46
N ASN A 529 30.16 -47.67 7.43
CA ASN A 529 30.59 -48.20 8.73
C ASN A 529 29.43 -48.86 9.48
N TRP A 530 28.20 -48.38 9.21
CA TRP A 530 26.98 -48.99 9.75
C TRP A 530 26.80 -50.47 9.37
N ALA A 531 27.38 -50.87 8.24
CA ALA A 531 27.16 -52.20 7.69
C ALA A 531 28.01 -53.31 8.33
N VAL A 532 29.10 -52.94 9.00
CA VAL A 532 29.98 -53.91 9.64
C VAL A 532 29.65 -54.09 11.13
N LYS A 533 29.95 -55.27 11.67
CA LYS A 533 29.64 -55.60 13.05
C LYS A 533 30.62 -54.97 14.04
N THR A 534 31.91 -55.00 13.69
CA THR A 534 32.95 -54.34 14.48
C THR A 534 33.34 -53.03 13.80
N LYS A 535 32.85 -51.91 14.34
CA LYS A 535 33.01 -50.60 13.71
C LYS A 535 34.45 -50.08 13.79
N LEU A 536 34.86 -49.37 12.73
CA LEU A 536 36.16 -48.69 12.71
C LEU A 536 36.03 -47.33 13.39
N LYS A 537 37.15 -46.81 13.90
CA LYS A 537 37.18 -45.49 14.51
C LYS A 537 37.13 -44.41 13.44
N LEU A 538 36.02 -43.66 13.41
CA LEU A 538 35.84 -42.58 12.45
C LEU A 538 36.28 -41.25 13.06
N THR A 539 37.14 -40.55 12.34
CA THR A 539 37.72 -39.29 12.80
C THR A 539 37.56 -38.23 11.71
N PRO A 540 37.82 -36.94 12.04
CA PRO A 540 37.75 -35.89 11.01
C PRO A 540 38.78 -36.06 9.87
N VAL A 554 22.51 -22.93 2.95
CA VAL A 554 23.29 -21.82 2.42
C VAL A 554 22.39 -20.68 1.96
N ALA A 555 21.47 -20.99 1.05
CA ALA A 555 20.50 -20.02 0.51
C ALA A 555 19.48 -20.69 -0.40
N GLY A 556 18.40 -19.98 -0.71
CA GLY A 556 17.29 -20.54 -1.50
C GLY A 556 17.07 -19.84 -2.84
N TYR A 557 17.03 -20.63 -3.91
CA TYR A 557 16.85 -20.12 -5.27
C TYR A 557 15.99 -21.06 -6.13
N SER A 558 14.89 -21.55 -5.56
CA SER A 558 13.99 -22.47 -6.27
C SER A 558 13.46 -21.84 -7.55
N GLY A 559 13.81 -22.44 -8.68
CA GLY A 559 13.41 -21.93 -10.00
C GLY A 559 14.17 -20.69 -10.45
N GLY A 560 15.20 -20.30 -9.69
CA GLY A 560 15.93 -19.06 -9.93
C GLY A 560 17.08 -19.17 -10.92
N ASP A 561 17.32 -20.37 -11.44
CA ASP A 561 18.35 -20.62 -12.45
C ASP A 561 19.74 -20.26 -11.91
N ILE A 562 20.13 -20.91 -10.80
CA ILE A 562 21.38 -20.60 -10.11
C ILE A 562 22.33 -21.81 -10.03
N TYR A 563 23.61 -21.57 -10.31
CA TYR A 563 24.61 -22.64 -10.39
C TYR A 563 25.83 -22.34 -9.53
N HIS A 564 26.36 -23.39 -8.89
CA HIS A 564 27.64 -23.32 -8.18
C HIS A 564 28.38 -24.65 -8.34
N SER A 565 29.71 -24.61 -8.29
CA SER A 565 30.54 -25.80 -8.42
C SER A 565 31.80 -25.69 -7.58
N SER B 3 -4.21 3.00 15.84
CA SER B 3 -3.38 4.10 16.41
C SER B 3 -4.26 5.28 16.80
N MET B 4 -3.88 5.97 17.88
CA MET B 4 -4.65 7.10 18.39
C MET B 4 -4.36 8.35 17.56
N SER B 5 -5.41 9.07 17.20
CA SER B 5 -5.26 10.31 16.43
C SER B 5 -4.35 11.31 17.14
N TYR B 6 -4.44 11.36 18.46
CA TYR B 6 -3.60 12.22 19.30
C TYR B 6 -3.23 11.55 20.62
N THR B 7 -2.09 11.94 21.17
CA THR B 7 -1.75 11.69 22.57
C THR B 7 -1.55 13.05 23.22
N TRP B 8 -2.02 13.21 24.46
CA TRP B 8 -1.96 14.50 25.14
C TRP B 8 -1.18 14.43 26.44
N THR B 9 -0.44 15.50 26.74
CA THR B 9 0.36 15.59 27.97
C THR B 9 -0.43 16.16 29.15
N GLY B 10 -1.45 16.98 28.86
CA GLY B 10 -2.20 17.68 29.90
C GLY B 10 -1.97 19.19 29.87
N ALA B 11 -0.90 19.62 29.22
CA ALA B 11 -0.65 21.05 29.02
C ALA B 11 -1.78 21.66 28.20
N LEU B 12 -2.15 22.90 28.52
CA LEU B 12 -3.27 23.57 27.88
C LEU B 12 -2.90 24.08 26.49
N ILE B 13 -3.88 24.14 25.61
CA ILE B 13 -3.77 24.86 24.35
C ILE B 13 -4.04 26.33 24.65
N THR B 14 -2.99 27.13 24.63
CA THR B 14 -3.02 28.50 25.11
C THR B 14 -3.31 29.50 23.99
N PRO B 15 -3.85 30.68 24.35
CA PRO B 15 -4.03 31.76 23.37
C PRO B 15 -2.76 32.59 23.20
N CYS B 16 -2.64 33.27 22.07
CA CYS B 16 -1.51 34.18 21.82
C CYS B 16 -1.89 35.64 22.01
N ALA B 17 -3.20 35.91 22.05
CA ALA B 17 -3.71 37.26 22.27
C ALA B 17 -5.04 37.20 23.04
N ALA B 18 -5.55 38.36 23.43
CA ALA B 18 -6.82 38.44 24.14
C ALA B 18 -7.95 37.84 23.29
N GLU B 19 -8.87 37.13 23.94
CA GLU B 19 -9.96 36.47 23.26
C GLU B 19 -11.31 36.97 23.76
N GLU B 20 -12.22 37.23 22.82
CA GLU B 20 -13.59 37.64 23.13
C GLU B 20 -14.55 36.55 22.73
N SER B 21 -15.47 36.20 23.62
CA SER B 21 -16.54 35.24 23.33
C SER B 21 -17.88 35.95 23.08
N LYS B 22 -18.14 37.00 23.85
CA LYS B 22 -19.38 37.77 23.75
C LYS B 22 -19.35 38.74 22.56
N LEU B 23 -20.49 38.90 21.90
CA LEU B 23 -20.61 39.80 20.74
C LEU B 23 -20.28 41.24 21.12
N PRO B 24 -19.23 41.82 20.51
CA PRO B 24 -18.93 43.23 20.73
C PRO B 24 -20.03 44.13 20.17
N ILE B 25 -20.36 45.19 20.90
CA ILE B 25 -21.46 46.09 20.52
C ILE B 25 -20.93 47.51 20.30
N ASN B 26 -21.35 48.13 19.20
CA ASN B 26 -21.05 49.54 18.95
C ASN B 26 -22.31 50.28 18.49
N ALA B 27 -22.15 51.49 17.97
CA ALA B 27 -23.30 52.32 17.57
C ALA B 27 -24.07 51.78 16.36
N LEU B 28 -23.45 50.86 15.62
CA LEU B 28 -24.02 50.30 14.39
C LEU B 28 -24.67 48.93 14.58
N SER B 29 -24.39 48.26 15.70
CA SER B 29 -24.80 46.87 15.91
C SER B 29 -26.31 46.63 15.81
N ASN B 30 -27.08 47.47 16.50
CA ASN B 30 -28.53 47.29 16.57
C ASN B 30 -29.26 47.48 15.24
N SER B 31 -28.65 48.21 14.30
CA SER B 31 -29.25 48.38 12.97
C SER B 31 -29.21 47.08 12.16
N LEU B 32 -28.30 46.17 12.51
CA LEU B 32 -28.20 44.87 11.86
C LEU B 32 -28.86 43.74 12.65
N LEU B 33 -28.57 43.68 13.96
CA LEU B 33 -28.92 42.53 14.77
C LEU B 33 -29.16 42.93 16.24
N ARG B 34 -30.31 42.53 16.78
CA ARG B 34 -30.71 42.94 18.15
C ARG B 34 -30.56 41.85 19.20
N HIS B 35 -30.72 40.57 18.81
CA HIS B 35 -30.58 39.46 19.76
C HIS B 35 -29.11 39.11 19.94
N HIS B 36 -28.40 39.94 20.70
CA HIS B 36 -26.94 39.87 20.81
C HIS B 36 -26.44 38.59 21.46
N ASN B 37 -27.15 38.11 22.49
CA ASN B 37 -26.72 36.93 23.25
C ASN B 37 -26.77 35.60 22.48
N MET B 38 -27.36 35.62 21.28
CA MET B 38 -27.38 34.45 20.40
C MET B 38 -26.08 34.29 19.61
N VAL B 39 -25.31 35.38 19.49
CA VAL B 39 -24.05 35.35 18.74
C VAL B 39 -22.88 35.18 19.70
N TYR B 40 -21.96 34.27 19.36
CA TYR B 40 -20.78 34.01 20.19
C TYR B 40 -19.58 33.65 19.33
N ALA B 41 -18.38 33.83 19.91
CA ALA B 41 -17.14 33.38 19.28
C ALA B 41 -16.50 32.28 20.14
N THR B 42 -15.92 31.28 19.48
CA THR B 42 -15.21 30.22 20.18
C THR B 42 -13.85 30.75 20.66
N THR B 43 -13.36 30.20 21.77
CA THR B 43 -12.06 30.59 22.33
C THR B 43 -11.30 29.36 22.80
N SER B 44 -10.06 29.58 23.25
CA SER B 44 -9.22 28.52 23.78
C SER B 44 -9.81 27.83 25.03
N ARG B 45 -10.72 28.50 25.72
N ARG B 45 -10.73 28.51 25.70
CA ARG B 45 -11.37 27.91 26.90
CA ARG B 45 -11.42 27.99 26.87
C ARG B 45 -12.11 26.61 26.60
C ARG B 45 -12.11 26.64 26.60
N SER B 46 -12.57 26.44 25.35
CA SER B 46 -13.23 25.18 24.95
C SER B 46 -12.31 24.19 24.21
N ALA B 47 -11.02 24.50 24.13
CA ALA B 47 -10.04 23.63 23.46
C ALA B 47 -10.04 22.22 24.05
N GLY B 48 -10.15 22.12 25.37
CA GLY B 48 -10.20 20.82 26.05
C GLY B 48 -11.35 19.95 25.61
N GLN B 49 -12.51 20.56 25.38
CA GLN B 49 -13.68 19.83 24.89
C GLN B 49 -13.44 19.26 23.50
N ARG B 50 -12.82 20.05 22.63
CA ARG B 50 -12.48 19.61 21.27
C ARG B 50 -11.44 18.49 21.29
N GLN B 51 -10.44 18.62 22.15
CA GLN B 51 -9.38 17.59 22.29
C GLN B 51 -9.97 16.21 22.52
N LYS B 52 -10.95 16.12 23.43
CA LYS B 52 -11.63 14.85 23.70
C LYS B 52 -12.34 14.32 22.45
N LYS B 53 -13.03 15.22 21.74
CA LYS B 53 -13.81 14.86 20.55
C LYS B 53 -12.95 14.31 19.41
N VAL B 54 -11.78 14.91 19.19
CA VAL B 54 -10.92 14.55 18.04
C VAL B 54 -9.94 13.41 18.35
N THR B 55 -9.99 12.88 19.57
CA THR B 55 -9.05 11.86 20.02
C THR B 55 -9.70 10.48 20.05
N PHE B 56 -9.27 9.61 19.14
CA PHE B 56 -9.79 8.23 19.08
C PHE B 56 -8.87 7.31 18.30
N ASP B 57 -9.05 6.00 18.49
CA ASP B 57 -8.29 4.99 17.78
C ASP B 57 -8.86 4.87 16.38
N ARG B 58 -7.97 4.68 15.39
CA ARG B 58 -8.40 4.46 14.01
C ARG B 58 -8.04 3.03 13.60
N LEU B 59 -9.04 2.30 13.13
CA LEU B 59 -8.83 1.00 12.52
C LEU B 59 -9.11 1.13 11.04
N GLN B 60 -8.32 0.47 10.21
CA GLN B 60 -8.47 0.57 8.77
C GLN B 60 -8.36 -0.81 8.12
N VAL B 61 -9.34 -1.12 7.28
CA VAL B 61 -9.39 -2.37 6.53
C VAL B 61 -9.53 -2.01 5.06
N LEU B 62 -8.53 -2.38 4.26
CA LEU B 62 -8.46 -1.94 2.86
C LEU B 62 -8.67 -3.11 1.91
N ASP B 63 -9.68 -2.99 1.06
CA ASP B 63 -10.09 -4.08 0.16
C ASP B 63 -9.66 -3.79 -1.29
N ASP B 64 -10.07 -4.65 -2.22
CA ASP B 64 -9.67 -4.51 -3.62
C ASP B 64 -10.27 -3.27 -4.30
N HIS B 65 -11.50 -2.91 -3.96
CA HIS B 65 -12.12 -1.68 -4.49
C HIS B 65 -11.22 -0.47 -4.22
N TYR B 66 -10.71 -0.38 -3.00
CA TYR B 66 -9.79 0.68 -2.59
C TYR B 66 -8.53 0.69 -3.45
N ARG B 67 -7.88 -0.47 -3.59
CA ARG B 67 -6.65 -0.54 -4.38
C ARG B 67 -6.89 -0.31 -5.88
N ASP B 68 -8.06 -0.72 -6.38
CA ASP B 68 -8.43 -0.49 -7.78
C ASP B 68 -8.55 1.00 -8.09
N VAL B 69 -9.26 1.74 -7.24
CA VAL B 69 -9.41 3.18 -7.43
C VAL B 69 -8.05 3.89 -7.30
N LEU B 70 -7.25 3.47 -6.32
CA LEU B 70 -5.93 4.06 -6.14
C LEU B 70 -5.06 3.91 -7.38
N LYS B 71 -5.07 2.72 -7.99
CA LYS B 71 -4.29 2.47 -9.21
C LYS B 71 -4.72 3.41 -10.35
N GLU B 72 -6.03 3.64 -10.48
CA GLU B 72 -6.57 4.54 -11.49
C GLU B 72 -6.13 5.98 -11.24
N MET B 73 -6.18 6.41 -9.98
CA MET B 73 -5.75 7.75 -9.58
C MET B 73 -4.26 7.98 -9.86
N LYS B 74 -3.43 6.99 -9.55
CA LYS B 74 -1.99 7.07 -9.83
C LYS B 74 -1.69 7.16 -11.33
N ALA B 75 -2.48 6.44 -12.13
CA ALA B 75 -2.34 6.47 -13.60
C ALA B 75 -2.53 7.88 -14.14
N LYS B 76 -3.51 8.60 -13.62
CA LYS B 76 -3.77 9.99 -14.02
C LYS B 76 -2.70 10.93 -13.48
N ALA B 77 -2.30 10.71 -12.22
CA ALA B 77 -1.25 11.49 -11.59
C ALA B 77 0.08 11.43 -12.35
N SER B 78 0.36 10.29 -12.98
N SER B 78 0.36 10.29 -12.98
CA SER B 78 1.59 10.08 -13.74
CA SER B 78 1.59 10.09 -13.74
C SER B 78 1.70 10.96 -15.00
C SER B 78 1.71 10.98 -14.99
N THR B 79 0.59 11.56 -15.42
CA THR B 79 0.59 12.48 -16.57
C THR B 79 0.93 13.92 -16.17
N VAL B 80 0.96 14.21 -14.86
CA VAL B 80 1.21 15.57 -14.36
C VAL B 80 2.70 15.88 -14.26
N LYS B 81 3.10 17.02 -14.80
CA LYS B 81 4.45 17.56 -14.61
C LYS B 81 4.37 18.80 -13.75
N ALA B 82 5.11 18.82 -12.63
CA ALA B 82 5.07 19.92 -11.69
C ALA B 82 6.45 20.54 -11.52
N LYS B 83 6.47 21.86 -11.38
CA LYS B 83 7.73 22.60 -11.24
C LYS B 83 8.02 22.97 -9.79
N LEU B 84 9.31 23.05 -9.48
CA LEU B 84 9.80 23.53 -8.20
C LEU B 84 9.73 25.05 -8.20
N LEU B 85 9.13 25.63 -7.17
CA LEU B 85 9.10 27.09 -7.02
C LEU B 85 10.41 27.57 -6.40
N SER B 86 10.90 28.72 -6.86
CA SER B 86 12.08 29.33 -6.24
C SER B 86 11.70 29.90 -4.88
N VAL B 87 12.69 30.14 -4.03
CA VAL B 87 12.45 30.75 -2.73
C VAL B 87 11.63 32.03 -2.88
N GLU B 88 11.97 32.83 -3.89
CA GLU B 88 11.36 34.14 -4.11
C GLU B 88 9.89 34.02 -4.54
N GLU B 89 9.61 33.09 -5.45
CA GLU B 89 8.23 32.83 -5.86
C GLU B 89 7.37 32.36 -4.68
N ALA B 90 7.93 31.49 -3.85
CA ALA B 90 7.24 30.99 -2.66
C ALA B 90 6.99 32.10 -1.65
N CYS B 91 7.97 33.00 -1.51
CA CYS B 91 7.85 34.16 -0.62
C CYS B 91 6.67 35.06 -0.99
N LYS B 92 6.47 35.29 -2.29
CA LYS B 92 5.40 36.17 -2.75
C LYS B 92 4.00 35.56 -2.59
N LEU B 93 3.93 34.25 -2.33
CA LEU B 93 2.66 33.57 -2.05
C LEU B 93 2.28 33.60 -0.57
N THR B 94 3.14 34.17 0.27
CA THR B 94 2.90 34.25 1.72
C THR B 94 1.99 35.43 2.06
N PRO B 95 0.89 35.18 2.81
CA PRO B 95 0.02 36.27 3.26
C PRO B 95 0.76 37.29 4.14
N PRO B 96 0.51 38.60 3.94
CA PRO B 96 1.14 39.66 4.74
C PRO B 96 0.97 39.50 6.25
N HIS B 97 -0.15 38.93 6.68
CA HIS B 97 -0.44 38.74 8.12
C HIS B 97 -0.27 37.28 8.56
N SER B 98 0.58 36.53 7.86
CA SER B 98 0.91 35.16 8.23
C SER B 98 1.75 35.16 9.52
N ALA B 99 1.60 34.11 10.33
CA ALA B 99 2.31 34.03 11.61
C ALA B 99 3.83 34.11 11.42
N LYS B 100 4.47 34.95 12.21
CA LYS B 100 5.92 35.16 12.11
C LYS B 100 6.71 33.92 12.51
N SER B 101 7.96 33.85 12.07
CA SER B 101 8.84 32.74 12.42
C SER B 101 9.31 32.85 13.86
N LYS B 102 9.59 31.71 14.48
CA LYS B 102 10.25 31.67 15.78
C LYS B 102 11.70 32.14 15.70
N TYR B 103 12.26 32.21 14.49
CA TYR B 103 13.68 32.50 14.30
C TYR B 103 13.96 33.91 13.77
N GLY B 104 13.16 34.88 14.23
CA GLY B 104 13.49 36.30 14.08
C GLY B 104 13.16 36.98 12.77
N TYR B 105 12.04 36.59 12.16
CA TYR B 105 11.51 37.28 10.96
C TYR B 105 10.03 36.99 10.78
N GLY B 106 9.33 37.87 10.06
CA GLY B 106 7.89 37.74 9.85
C GLY B 106 7.49 37.65 8.39
N ALA B 107 6.18 37.66 8.15
CA ALA B 107 5.63 37.50 6.80
C ALA B 107 6.04 38.64 5.86
N LYS B 108 6.08 39.87 6.37
CA LYS B 108 6.48 41.02 5.56
C LYS B 108 7.97 40.99 5.23
N ASP B 109 8.78 40.41 6.11
CA ASP B 109 10.19 40.16 5.83
C ASP B 109 10.31 39.17 4.68
N VAL B 110 9.50 38.11 4.72
CA VAL B 110 9.47 37.10 3.66
C VAL B 110 9.00 37.73 2.35
N ARG B 111 7.89 38.46 2.39
CA ARG B 111 7.34 39.11 1.20
C ARG B 111 8.34 40.08 0.54
N ASN B 112 9.11 40.79 1.35
CA ASN B 112 10.13 41.73 0.86
C ASN B 112 11.45 41.06 0.49
N LEU B 113 11.54 39.74 0.67
CA LEU B 113 12.76 38.98 0.36
C LEU B 113 13.96 39.47 1.16
N SER B 114 13.74 39.80 2.43
CA SER B 114 14.83 40.28 3.29
C SER B 114 15.88 39.18 3.48
N SER B 115 17.14 39.58 3.53
CA SER B 115 18.27 38.65 3.58
C SER B 115 18.15 37.61 4.69
N ARG B 116 17.79 38.06 5.88
CA ARG B 116 17.65 37.16 7.04
C ARG B 116 16.64 36.06 6.78
N ALA B 117 15.45 36.46 6.32
CA ALA B 117 14.37 35.53 6.02
C ALA B 117 14.76 34.53 4.94
N VAL B 118 15.33 35.03 3.85
CA VAL B 118 15.73 34.18 2.73
C VAL B 118 16.84 33.21 3.13
N ASN B 119 17.79 33.69 3.94
CA ASN B 119 18.85 32.82 4.47
C ASN B 119 18.31 31.66 5.31
N HIS B 120 17.34 31.94 6.19
CA HIS B 120 16.74 30.88 7.01
CA HIS B 120 16.71 30.91 7.01
C HIS B 120 15.95 29.89 6.16
N ILE B 121 15.23 30.40 5.16
CA ILE B 121 14.46 29.53 4.26
C ILE B 121 15.37 28.58 3.50
N HIS B 122 16.50 29.10 3.02
CA HIS B 122 17.51 28.25 2.38
C HIS B 122 18.02 27.18 3.34
N SER B 123 18.27 27.55 4.59
CA SER B 123 18.73 26.60 5.61
C SER B 123 17.68 25.52 5.88
N VAL B 124 16.40 25.93 5.95
CA VAL B 124 15.31 24.97 6.14
C VAL B 124 15.23 23.99 4.96
N TRP B 125 15.38 24.51 3.74
CA TRP B 125 15.33 23.69 2.54
C TRP B 125 16.45 22.65 2.51
N LYS B 126 17.68 23.10 2.78
CA LYS B 126 18.84 22.21 2.84
C LYS B 126 18.63 21.10 3.88
N ASP B 127 18.07 21.44 5.03
CA ASP B 127 17.77 20.46 6.08
C ASP B 127 16.74 19.42 5.64
N LEU B 128 15.72 19.85 4.90
CA LEU B 128 14.72 18.91 4.36
C LEU B 128 15.37 17.90 3.43
N LEU B 129 16.29 18.36 2.59
CA LEU B 129 16.97 17.49 1.62
C LEU B 129 17.92 16.50 2.30
N GLU B 130 18.52 16.90 3.41
CA GLU B 130 19.55 16.09 4.08
C GLU B 130 19.00 15.19 5.19
N ASP B 131 17.85 15.56 5.75
CA ASP B 131 17.24 14.85 6.88
C ASP B 131 15.80 14.48 6.51
N THR B 132 15.50 13.18 6.50
CA THR B 132 14.16 12.68 6.16
C THR B 132 13.50 11.91 7.33
N VAL B 133 13.95 12.16 8.56
CA VAL B 133 13.49 11.40 9.73
C VAL B 133 13.00 12.25 10.92
N THR B 134 13.67 13.35 11.22
CA THR B 134 13.40 14.12 12.45
C THR B 134 12.04 14.83 12.41
N PRO B 135 11.14 14.48 13.34
CA PRO B 135 9.84 15.18 13.33
C PRO B 135 10.00 16.70 13.42
N ILE B 136 9.22 17.41 12.62
CA ILE B 136 9.23 18.87 12.59
C ILE B 136 8.20 19.39 13.59
N ASP B 137 8.58 20.42 14.34
CA ASP B 137 7.69 20.97 15.37
C ASP B 137 6.48 21.65 14.74
N THR B 138 5.37 21.62 15.46
CA THR B 138 4.18 22.35 15.06
C THR B 138 3.61 23.09 16.25
N THR B 139 2.88 24.16 15.97
CA THR B 139 2.14 24.89 16.98
C THR B 139 0.68 24.47 16.89
N ILE B 140 0.03 24.28 18.05
CA ILE B 140 -1.40 24.00 18.10
C ILE B 140 -2.13 25.18 18.76
N MET B 141 -3.19 25.64 18.10
CA MET B 141 -3.98 26.79 18.54
C MET B 141 -5.46 26.51 18.38
N ALA B 142 -6.28 27.16 19.22
CA ALA B 142 -7.72 27.12 19.08
C ALA B 142 -8.16 28.26 18.17
N LYS B 143 -9.01 27.95 17.20
CA LYS B 143 -9.54 28.96 16.28
C LYS B 143 -10.59 29.82 16.96
N ASN B 144 -10.59 31.11 16.65
CA ASN B 144 -11.64 32.02 17.06
C ASN B 144 -12.59 32.24 15.88
N GLU B 145 -13.76 31.60 15.95
CA GLU B 145 -14.77 31.70 14.89
C GLU B 145 -16.13 32.00 15.49
N VAL B 146 -16.93 32.80 14.76
CA VAL B 146 -18.21 33.27 15.27
C VAL B 146 -19.36 32.40 14.77
N PHE B 147 -20.31 32.11 15.66
CA PHE B 147 -21.49 31.31 15.32
C PHE B 147 -22.74 31.86 16.02
N CYS B 148 -23.89 31.34 15.61
CA CYS B 148 -25.14 31.57 16.33
C CYS B 148 -25.43 30.34 17.19
N VAL B 149 -26.00 30.56 18.37
CA VAL B 149 -26.35 29.45 19.27
C VAL B 149 -27.41 28.55 18.62
N GLN B 150 -27.40 27.28 19.01
CA GLN B 150 -28.42 26.32 18.57
C GLN B 150 -28.81 25.42 19.73
N PRO B 151 -29.87 25.78 20.43
CA PRO B 151 -30.34 25.06 21.62
C PRO B 151 -30.61 23.58 21.33
N GLU B 152 -31.17 23.28 20.15
CA GLU B 152 -31.39 21.91 19.73
C GLU B 152 -30.09 21.28 19.27
N ARG B 156 -23.33 25.63 22.53
CA ARG B 156 -22.23 26.22 21.79
C ARG B 156 -21.23 25.18 21.33
N LYS B 157 -20.69 25.37 20.13
CA LYS B 157 -19.66 24.50 19.58
C LYS B 157 -18.33 24.82 20.25
N PRO B 158 -17.51 23.79 20.52
CA PRO B 158 -16.16 24.06 21.01
C PRO B 158 -15.26 24.56 19.88
N ALA B 159 -14.16 25.23 20.24
CA ALA B 159 -13.24 25.76 19.25
C ALA B 159 -12.62 24.65 18.41
N ARG B 160 -12.43 24.91 17.12
CA ARG B 160 -11.67 24.01 16.27
C ARG B 160 -10.18 24.23 16.51
N LEU B 161 -9.37 23.22 16.26
CA LEU B 161 -7.93 23.31 16.45
C LEU B 161 -7.22 23.51 15.13
N ILE B 162 -6.18 24.33 15.13
CA ILE B 162 -5.31 24.49 13.97
C ILE B 162 -3.91 24.04 14.37
N VAL B 163 -3.26 23.30 13.48
CA VAL B 163 -1.91 22.78 13.69
C VAL B 163 -1.06 23.19 12.49
N PHE B 164 0.00 23.96 12.75
CA PHE B 164 0.84 24.48 11.66
C PHE B 164 2.32 24.52 12.02
N PRO B 165 3.20 24.32 11.03
CA PRO B 165 4.63 24.41 11.22
C PRO B 165 5.11 25.86 11.13
N ASP B 166 6.40 26.09 11.42
CA ASP B 166 6.98 27.42 11.39
C ASP B 166 6.94 28.03 9.98
N LEU B 167 6.94 29.36 9.92
CA LEU B 167 6.91 30.12 8.66
C LEU B 167 7.94 29.66 7.63
N GLY B 168 9.18 29.43 8.07
CA GLY B 168 10.24 28.95 7.19
C GLY B 168 9.88 27.64 6.51
N VAL B 169 9.27 26.72 7.27
CA VAL B 169 8.80 25.45 6.71
C VAL B 169 7.66 25.67 5.72
N ARG B 170 6.74 26.60 6.03
CA ARG B 170 5.60 26.86 5.15
C ARG B 170 6.04 27.38 3.76
N VAL B 171 7.08 28.21 3.73
CA VAL B 171 7.66 28.66 2.46
C VAL B 171 8.25 27.48 1.68
N CYS B 172 8.94 26.59 2.39
CA CYS B 172 9.50 25.39 1.75
C CYS B 172 8.41 24.45 1.23
N GLU B 173 7.27 24.36 1.93
CA GLU B 173 6.14 23.59 1.41
C GLU B 173 5.71 24.10 0.04
N LYS B 174 5.62 25.42 -0.09
CA LYS B 174 5.25 26.06 -1.35
C LYS B 174 6.26 25.70 -2.45
N MET B 175 7.55 25.79 -2.12
CA MET B 175 8.61 25.48 -3.08
C MET B 175 8.44 24.08 -3.67
N ALA B 176 8.25 23.10 -2.80
CA ALA B 176 8.15 21.69 -3.19
C ALA B 176 6.80 21.31 -3.82
N LEU B 177 5.71 21.89 -3.30
CA LEU B 177 4.37 21.34 -3.55
C LEU B 177 3.30 22.31 -4.07
N TYR B 178 3.58 23.61 -4.16
CA TYR B 178 2.53 24.53 -4.59
C TYR B 178 1.97 24.17 -5.96
N ASP B 179 2.87 23.92 -6.90
CA ASP B 179 2.48 23.58 -8.27
C ASP B 179 1.75 22.24 -8.32
N VAL B 180 2.15 21.31 -7.46
CA VAL B 180 1.50 19.99 -7.36
C VAL B 180 0.06 20.11 -6.86
N VAL B 181 -0.14 20.75 -5.72
CA VAL B 181 -1.49 20.86 -5.13
C VAL B 181 -2.40 21.79 -5.95
N SER B 182 -1.82 22.62 -6.82
CA SER B 182 -2.59 23.49 -7.69
C SER B 182 -3.05 22.81 -8.99
N THR B 183 -2.35 21.75 -9.42
CA THR B 183 -2.59 21.15 -10.74
C THR B 183 -3.01 19.68 -10.72
N LEU B 184 -2.51 18.91 -9.76
CA LEU B 184 -2.74 17.46 -9.71
C LEU B 184 -4.20 17.05 -9.44
N PRO B 185 -4.87 17.70 -8.47
CA PRO B 185 -6.22 17.29 -8.09
C PRO B 185 -7.22 17.25 -9.26
N GLN B 186 -7.21 18.27 -10.11
CA GLN B 186 -8.14 18.32 -11.26
C GLN B 186 -7.85 17.20 -12.25
N VAL B 187 -6.56 16.90 -12.46
CA VAL B 187 -6.16 15.85 -13.38
C VAL B 187 -6.60 14.46 -12.87
N VAL B 188 -6.40 14.21 -11.58
CA VAL B 188 -6.73 12.91 -10.97
C VAL B 188 -8.24 12.68 -10.83
N MET B 189 -8.96 13.74 -10.45
CA MET B 189 -10.38 13.61 -10.10
C MET B 189 -11.33 14.16 -11.16
N GLY B 190 -10.78 14.84 -12.18
CA GLY B 190 -11.58 15.33 -13.30
C GLY B 190 -12.67 16.31 -12.85
N SER B 191 -13.88 16.10 -13.36
CA SER B 191 -15.01 16.96 -13.03
C SER B 191 -15.44 16.89 -11.55
N SER B 192 -15.00 15.86 -10.84
CA SER B 192 -15.34 15.68 -9.43
C SER B 192 -14.61 16.63 -8.49
N TYR B 193 -13.51 17.25 -8.95
CA TYR B 193 -12.74 18.17 -8.12
C TYR B 193 -13.50 19.51 -8.00
N GLY B 194 -14.01 19.77 -6.81
CA GLY B 194 -14.93 20.90 -6.61
C GLY B 194 -14.33 22.29 -6.69
N PHE B 195 -13.06 22.43 -6.36
CA PHE B 195 -12.43 23.75 -6.28
CA PHE B 195 -12.40 23.74 -6.28
C PHE B 195 -12.16 24.38 -7.65
N GLN B 196 -12.32 23.63 -8.73
CA GLN B 196 -12.11 24.15 -10.08
C GLN B 196 -13.23 25.09 -10.55
N TYR B 197 -14.40 24.95 -9.95
CA TYR B 197 -15.60 25.66 -10.40
C TYR B 197 -15.80 26.99 -9.67
N SER B 198 -16.14 28.03 -10.42
CA SER B 198 -16.71 29.24 -9.83
C SER B 198 -18.10 28.88 -9.33
N PRO B 199 -18.74 29.76 -8.54
CA PRO B 199 -20.10 29.44 -8.09
C PRO B 199 -21.06 29.16 -9.23
N GLY B 200 -21.00 29.95 -10.30
CA GLY B 200 -21.85 29.78 -11.48
C GLY B 200 -21.55 28.51 -12.27
N GLN B 201 -20.27 28.18 -12.39
CA GLN B 201 -19.86 26.92 -13.03
C GLN B 201 -20.26 25.70 -12.19
N ARG B 202 -20.20 25.84 -10.87
CA ARG B 202 -20.57 24.76 -9.96
C ARG B 202 -22.04 24.39 -10.06
N VAL B 203 -22.92 25.39 -10.04
CA VAL B 203 -24.35 25.14 -10.13
CA VAL B 203 -24.36 25.16 -10.13
C VAL B 203 -24.71 24.52 -11.48
N GLU B 204 -24.00 24.95 -12.53
CA GLU B 204 -24.21 24.41 -13.88
C GLU B 204 -23.85 22.92 -13.92
N PHE B 205 -22.74 22.56 -13.29
CA PHE B 205 -22.31 21.16 -13.23
C PHE B 205 -23.30 20.30 -12.43
N LEU B 206 -23.74 20.82 -11.28
CA LEU B 206 -24.68 20.09 -10.43
C LEU B 206 -26.02 19.82 -11.13
N VAL B 207 -26.56 20.85 -11.78
CA VAL B 207 -27.84 20.73 -12.48
C VAL B 207 -27.72 19.78 -13.67
N ASN B 208 -26.66 19.92 -14.45
CA ASN B 208 -26.40 19.02 -15.58
C ASN B 208 -26.20 17.57 -15.14
N THR B 209 -25.50 17.38 -14.02
CA THR B 209 -25.30 16.06 -13.45
C THR B 209 -26.62 15.43 -13.01
N TRP B 210 -27.49 16.23 -12.38
CA TRP B 210 -28.81 15.77 -11.95
C TRP B 210 -29.68 15.35 -13.14
N LYS B 211 -29.65 16.16 -14.20
CA LYS B 211 -30.45 15.89 -15.40
C LYS B 211 -29.93 14.69 -16.21
N SER B 212 -28.65 14.37 -16.06
CA SER B 212 -28.03 13.27 -16.82
C SER B 212 -28.43 11.89 -16.31
N LYS B 213 -29.08 11.82 -15.15
CA LYS B 213 -29.55 10.54 -14.60
C LYS B 213 -31.01 10.30 -15.00
N LYS B 214 -31.35 9.05 -15.28
CA LYS B 214 -32.73 8.70 -15.64
C LYS B 214 -33.67 8.88 -14.44
N ASN B 215 -33.27 8.34 -13.30
CA ASN B 215 -34.00 8.48 -12.05
C ASN B 215 -33.05 8.95 -10.96
N PRO B 216 -32.82 10.28 -10.86
CA PRO B 216 -31.74 10.80 -10.02
C PRO B 216 -31.98 10.64 -8.53
N MET B 217 -30.92 10.25 -7.83
CA MET B 217 -30.86 10.32 -6.37
C MET B 217 -29.51 10.93 -6.01
N GLY B 218 -29.48 11.65 -4.89
CA GLY B 218 -28.25 12.26 -4.42
C GLY B 218 -28.19 12.32 -2.91
N PHE B 219 -26.97 12.36 -2.39
CA PHE B 219 -26.77 12.48 -0.95
C PHE B 219 -25.42 13.11 -0.62
N SER B 220 -25.36 13.80 0.52
CA SER B 220 -24.11 14.30 1.05
C SER B 220 -23.63 13.33 2.11
N TYR B 221 -22.31 13.13 2.17
CA TYR B 221 -21.70 12.30 3.21
C TYR B 221 -20.68 13.16 3.95
N ASP B 222 -20.97 13.47 5.20
CA ASP B 222 -20.08 14.27 6.02
C ASP B 222 -19.45 13.40 7.08
N THR B 223 -18.13 13.23 6.99
CA THR B 223 -17.38 12.39 7.91
C THR B 223 -17.25 13.10 9.26
N ARG B 224 -17.32 12.32 10.33
CA ARG B 224 -17.13 12.86 11.68
C ARG B 224 -15.64 13.13 11.90
N CYS B 225 -15.28 14.38 12.12
N CYS B 225 -15.28 14.37 12.17
CA CYS B 225 -13.91 14.77 12.45
CA CYS B 225 -13.89 14.76 12.46
C CYS B 225 -12.92 14.20 11.44
C CYS B 225 -12.91 14.19 11.43
N PHE B 226 -13.06 14.61 10.18
CA PHE B 226 -12.29 14.03 9.07
C PHE B 226 -10.78 14.04 9.27
N ASP B 227 -10.23 15.17 9.70
CA ASP B 227 -8.78 15.28 9.92
C ASP B 227 -8.25 14.20 10.86
N SER B 228 -9.01 13.88 11.90
CA SER B 228 -8.62 12.86 12.88
C SER B 228 -8.77 11.44 12.35
N THR B 229 -9.61 11.25 11.33
CA THR B 229 -9.78 9.94 10.70
C THR B 229 -8.66 9.61 9.71
N VAL B 230 -7.90 10.62 9.30
CA VAL B 230 -6.81 10.42 8.34
C VAL B 230 -5.64 9.70 9.03
N THR B 231 -5.28 8.54 8.50
CA THR B 231 -4.26 7.67 9.10
C THR B 231 -2.89 7.87 8.47
N GLU B 232 -1.88 7.23 9.06
CA GLU B 232 -0.53 7.21 8.47
C GLU B 232 -0.58 6.63 7.05
N ASN B 233 -1.32 5.55 6.88
CA ASN B 233 -1.54 4.93 5.57
C ASN B 233 -2.04 5.94 4.54
N ASP B 234 -3.08 6.69 4.92
CA ASP B 234 -3.69 7.66 4.03
C ASP B 234 -2.66 8.71 3.57
N ILE B 235 -1.87 9.18 4.52
CA ILE B 235 -0.88 10.23 4.25
C ILE B 235 0.28 9.70 3.39
N ARG B 236 0.62 8.42 3.58
CA ARG B 236 1.61 7.75 2.74
C ARG B 236 1.07 7.48 1.33
N VAL B 237 -0.19 7.07 1.25
CA VAL B 237 -0.84 6.82 -0.05
C VAL B 237 -0.92 8.13 -0.85
N GLU B 238 -1.28 9.19 -0.14
CA GLU B 238 -1.28 10.54 -0.70
C GLU B 238 0.10 10.90 -1.28
N GLU B 239 1.16 10.64 -0.53
CA GLU B 239 2.52 10.92 -1.02
C GLU B 239 2.84 10.12 -2.29
N SER B 240 2.45 8.86 -2.32
CA SER B 240 2.71 7.99 -3.49
C SER B 240 2.03 8.55 -4.75
N ILE B 241 0.89 9.22 -4.57
CA ILE B 241 0.22 9.88 -5.68
C ILE B 241 1.04 11.10 -6.15
N TYR B 242 1.48 11.92 -5.20
CA TYR B 242 2.35 13.07 -5.54
C TYR B 242 3.60 12.62 -6.29
N GLN B 243 4.20 11.52 -5.85
CA GLN B 243 5.45 11.02 -6.42
C GLN B 243 5.29 10.44 -7.83
N CYS B 244 4.06 10.18 -8.26
CA CYS B 244 3.79 9.78 -9.64
C CYS B 244 4.09 10.90 -10.65
N CYS B 245 4.00 12.16 -10.20
CA CYS B 245 4.28 13.32 -11.05
C CYS B 245 5.70 13.33 -11.59
N ASP B 246 5.87 14.03 -12.70
CA ASP B 246 7.20 14.39 -13.22
C ASP B 246 7.69 15.57 -12.38
N LEU B 247 8.72 15.31 -11.56
CA LEU B 247 9.21 16.27 -10.57
C LEU B 247 10.72 16.47 -10.68
N ALA B 248 11.18 17.64 -10.23
CA ALA B 248 12.61 17.88 -10.09
C ALA B 248 13.15 17.00 -8.95
N PRO B 249 14.42 16.57 -9.05
CA PRO B 249 15.00 15.72 -8.00
C PRO B 249 14.86 16.26 -6.58
N GLU B 250 15.12 17.56 -6.40
CA GLU B 250 14.99 18.19 -5.07
C GLU B 250 13.55 18.21 -4.58
N ALA B 251 12.61 18.41 -5.49
CA ALA B 251 11.18 18.37 -5.16
C ALA B 251 10.77 17.00 -4.60
N ARG B 252 11.20 15.92 -5.28
CA ARG B 252 10.92 14.56 -4.81
C ARG B 252 11.43 14.31 -3.40
N GLN B 253 12.67 14.71 -3.15
CA GLN B 253 13.29 14.53 -1.83
C GLN B 253 12.58 15.35 -0.77
N ALA B 254 12.25 16.60 -1.10
CA ALA B 254 11.55 17.49 -0.18
C ALA B 254 10.14 16.97 0.17
N ILE B 255 9.45 16.41 -0.83
CA ILE B 255 8.12 15.85 -0.61
C ILE B 255 8.18 14.63 0.30
N LYS B 256 9.20 13.79 0.11
CA LYS B 256 9.42 12.63 0.97
C LYS B 256 9.73 13.08 2.40
N SER B 257 10.64 14.02 2.54
CA SER B 257 11.02 14.57 3.84
C SER B 257 9.84 15.18 4.57
N LEU B 258 9.10 16.05 3.89
CA LEU B 258 7.93 16.71 4.50
C LEU B 258 6.87 15.68 4.91
N THR B 259 6.71 14.62 4.12
CA THR B 259 5.75 13.57 4.46
C THR B 259 6.15 12.85 5.75
N GLU B 260 7.40 12.38 5.81
CA GLU B 260 7.90 11.64 6.98
C GLU B 260 7.97 12.49 8.24
N ARG B 261 8.38 13.74 8.08
CA ARG B 261 8.70 14.61 9.22
C ARG B 261 7.54 15.49 9.69
N LEU B 262 6.60 15.79 8.80
CA LEU B 262 5.54 16.75 9.07
C LEU B 262 4.13 16.20 8.82
N TYR B 263 3.86 15.71 7.61
CA TYR B 263 2.48 15.35 7.26
C TYR B 263 1.95 14.15 8.02
N ILE B 264 2.78 13.11 8.20
CA ILE B 264 2.33 11.91 8.92
C ILE B 264 2.04 12.17 10.40
N GLY B 265 2.81 13.07 11.00
CA GLY B 265 2.64 13.37 12.42
C GLY B 265 3.79 14.16 12.99
N GLY B 266 3.68 14.48 14.27
CA GLY B 266 4.74 15.20 14.97
C GLY B 266 4.31 15.77 16.31
N PRO B 267 5.25 16.36 17.05
CA PRO B 267 4.96 16.93 18.37
C PRO B 267 4.12 18.20 18.25
N LEU B 268 3.31 18.46 19.27
CA LEU B 268 2.42 19.62 19.31
C LEU B 268 2.86 20.54 20.44
N THR B 269 3.11 21.81 20.11
CA THR B 269 3.57 22.79 21.09
C THR B 269 2.57 23.95 21.15
N ASN B 270 2.23 24.38 22.37
CA ASN B 270 1.31 25.51 22.52
C ASN B 270 2.02 26.84 22.28
N SER B 271 1.27 27.95 22.36
CA SER B 271 1.83 29.28 22.09
C SER B 271 2.85 29.73 23.13
N LYS B 272 2.86 29.09 24.30
CA LYS B 272 3.84 29.38 25.35
C LYS B 272 5.07 28.49 25.28
N GLY B 273 5.13 27.59 24.28
CA GLY B 273 6.30 26.74 24.09
C GLY B 273 6.27 25.42 24.85
N GLN B 274 5.13 25.08 25.45
CA GLN B 274 5.00 23.82 26.20
C GLN B 274 4.59 22.70 25.27
N ASN B 275 5.07 21.49 25.55
CA ASN B 275 4.69 20.31 24.79
C ASN B 275 3.28 19.85 25.17
N CYS B 276 2.37 19.89 24.21
CA CYS B 276 0.97 19.53 24.43
C CYS B 276 0.67 18.07 24.12
N GLY B 277 1.49 17.45 23.29
CA GLY B 277 1.31 16.05 22.92
C GLY B 277 1.83 15.72 21.55
N TYR B 278 1.16 14.79 20.88
CA TYR B 278 1.62 14.27 19.59
C TYR B 278 0.45 13.95 18.66
N ARG B 279 0.64 14.21 17.37
CA ARG B 279 -0.37 14.03 16.33
C ARG B 279 0.01 12.87 15.43
N ARG B 280 -0.97 12.04 15.10
CA ARG B 280 -0.79 10.92 14.15
C ARG B 280 -1.89 10.96 13.08
N CYS B 281 -2.34 12.17 12.76
CA CYS B 281 -3.41 12.39 11.80
C CYS B 281 -3.15 13.67 11.03
N ARG B 282 -4.10 14.08 10.19
CA ARG B 282 -3.96 15.29 9.38
C ARG B 282 -3.75 16.54 10.23
N ALA B 283 -2.71 17.30 9.89
CA ALA B 283 -2.54 18.68 10.37
C ALA B 283 -3.41 19.59 9.53
N SER B 284 -4.20 20.46 10.17
CA SER B 284 -5.14 21.30 9.45
C SER B 284 -4.49 22.52 8.80
N GLY B 285 -3.26 22.83 9.21
CA GLY B 285 -2.56 24.03 8.75
C GLY B 285 -1.30 23.78 7.96
N VAL B 286 -1.33 22.80 7.06
CA VAL B 286 -0.21 22.56 6.13
C VAL B 286 -0.70 22.75 4.70
N LEU B 287 0.23 22.92 3.77
CA LEU B 287 -0.11 23.23 2.38
C LEU B 287 -0.99 22.16 1.73
N THR B 288 -0.72 20.90 2.09
CA THR B 288 -1.39 19.75 1.48
C THR B 288 -2.71 19.36 2.16
N THR B 289 -3.18 20.12 3.14
CA THR B 289 -4.41 19.77 3.86
C THR B 289 -5.61 19.65 2.92
N SER B 290 -5.83 20.65 2.06
CA SER B 290 -6.98 20.65 1.16
C SER B 290 -6.85 19.58 0.07
N CYS B 291 -5.70 19.57 -0.61
CA CYS B 291 -5.43 18.57 -1.65
C CYS B 291 -5.48 17.13 -1.10
N GLY B 292 -4.82 16.92 0.04
CA GLY B 292 -4.79 15.61 0.68
C GLY B 292 -6.16 15.10 1.09
N ASN B 293 -6.96 15.97 1.72
CA ASN B 293 -8.31 15.61 2.13
C ASN B 293 -9.17 15.30 0.93
N THR B 294 -9.06 16.11 -0.12
CA THR B 294 -9.83 15.92 -1.34
C THR B 294 -9.48 14.58 -2.01
N LEU B 295 -8.18 14.30 -2.13
CA LEU B 295 -7.73 13.03 -2.72
C LEU B 295 -8.20 11.83 -1.90
N THR B 296 -8.05 11.92 -0.58
CA THR B 296 -8.39 10.81 0.31
C THR B 296 -9.89 10.58 0.41
N CYS B 297 -10.66 11.67 0.48
CA CYS B 297 -12.11 11.57 0.46
C CYS B 297 -12.62 10.98 -0.85
N TYR B 298 -12.06 11.43 -1.96
CA TYR B 298 -12.40 10.92 -3.28
C TYR B 298 -12.07 9.43 -3.41
N LEU B 299 -10.91 9.03 -2.91
CA LEU B 299 -10.46 7.64 -2.96
C LEU B 299 -11.40 6.73 -2.18
N LYS B 300 -11.60 7.05 -0.91
CA LYS B 300 -12.45 6.24 -0.04
C LYS B 300 -13.90 6.21 -0.52
N ALA B 301 -14.42 7.36 -0.92
CA ALA B 301 -15.80 7.47 -1.41
C ALA B 301 -16.02 6.72 -2.71
N SER B 302 -15.06 6.81 -3.65
CA SER B 302 -15.16 6.10 -4.93
C SER B 302 -15.21 4.59 -4.71
N ALA B 303 -14.33 4.10 -3.85
CA ALA B 303 -14.31 2.68 -3.50
C ALA B 303 -15.60 2.24 -2.80
N ALA B 304 -16.15 3.12 -1.96
CA ALA B 304 -17.38 2.81 -1.21
C ALA B 304 -18.60 2.74 -2.13
N CYS B 305 -18.63 3.57 -3.18
CA CYS B 305 -19.66 3.50 -4.21
C CYS B 305 -19.68 2.12 -4.88
N ARG B 306 -18.50 1.59 -5.16
CA ARG B 306 -18.37 0.27 -5.77
C ARG B 306 -18.84 -0.82 -4.82
N ALA B 307 -18.44 -0.73 -3.56
CA ALA B 307 -18.92 -1.66 -2.53
C ALA B 307 -20.45 -1.64 -2.42
N ALA B 308 -21.03 -0.43 -2.46
CA ALA B 308 -22.48 -0.24 -2.35
C ALA B 308 -23.23 -0.52 -3.66
N LYS B 309 -22.50 -0.77 -4.74
CA LYS B 309 -23.07 -1.10 -6.04
C LYS B 309 -24.01 -0.01 -6.57
N LEU B 310 -23.67 1.25 -6.30
CA LEU B 310 -24.44 2.38 -6.81
C LEU B 310 -24.11 2.58 -8.28
N GLN B 311 -25.14 2.79 -9.10
CA GLN B 311 -25.01 2.83 -10.56
C GLN B 311 -24.84 4.25 -11.10
N ASP B 312 -23.86 4.42 -11.99
CA ASP B 312 -23.61 5.69 -12.68
C ASP B 312 -23.39 6.84 -11.70
N CYS B 313 -22.43 6.65 -10.81
CA CYS B 313 -22.12 7.65 -9.79
C CYS B 313 -21.34 8.82 -10.38
N THR B 314 -21.78 10.03 -10.02
CA THR B 314 -21.02 11.25 -10.26
C THR B 314 -20.75 11.87 -8.90
N MET B 315 -19.48 12.03 -8.56
CA MET B 315 -19.11 12.58 -7.26
C MET B 315 -18.66 14.02 -7.39
N LEU B 316 -18.89 14.80 -6.33
CA LEU B 316 -18.34 16.14 -6.21
C LEU B 316 -17.67 16.23 -4.85
N VAL B 317 -16.39 16.55 -4.86
CA VAL B 317 -15.58 16.51 -3.65
C VAL B 317 -14.81 17.81 -3.48
N TYR B 318 -14.85 18.34 -2.26
CA TYR B 318 -14.00 19.46 -1.87
CA TYR B 318 -14.02 19.47 -1.86
C TYR B 318 -13.57 19.26 -0.42
N GLY B 319 -12.31 18.93 -0.22
CA GLY B 319 -11.81 18.58 1.10
C GLY B 319 -12.58 17.37 1.61
N ASP B 320 -13.11 17.49 2.82
CA ASP B 320 -13.88 16.41 3.44
C ASP B 320 -15.37 16.45 3.07
N ASP B 321 -15.77 17.43 2.25
CA ASP B 321 -17.16 17.56 1.81
C ASP B 321 -17.40 16.72 0.56
N LEU B 322 -18.45 15.91 0.59
CA LEU B 322 -18.71 14.92 -0.46
C LEU B 322 -20.18 14.87 -0.82
N VAL B 323 -20.47 14.94 -2.13
CA VAL B 323 -21.80 14.65 -2.64
C VAL B 323 -21.69 13.62 -3.77
N VAL B 324 -22.61 12.65 -3.76
CA VAL B 324 -22.73 11.70 -4.85
C VAL B 324 -24.12 11.86 -5.46
N ILE B 325 -24.16 11.91 -6.79
CA ILE B 325 -25.42 11.90 -7.54
C ILE B 325 -25.39 10.68 -8.45
N CYS B 326 -26.44 9.85 -8.39
CA CYS B 326 -26.44 8.55 -9.07
C CYS B 326 -27.86 8.10 -9.45
N GLU B 327 -27.95 6.92 -10.06
CA GLU B 327 -29.24 6.32 -10.41
C GLU B 327 -29.92 5.73 -9.17
N SER B 328 -31.21 6.03 -9.02
CA SER B 328 -32.00 5.52 -7.90
C SER B 328 -32.55 4.13 -8.19
N ALA B 329 -32.61 3.30 -7.15
CA ALA B 329 -33.29 2.01 -7.21
C ALA B 329 -34.56 2.02 -6.35
N GLY B 330 -35.13 3.21 -6.15
CA GLY B 330 -36.30 3.40 -5.30
C GLY B 330 -35.90 3.72 -3.87
N THR B 331 -36.83 4.30 -3.13
CA THR B 331 -36.54 4.83 -1.78
C THR B 331 -35.93 3.79 -0.83
N GLN B 332 -36.53 2.60 -0.78
CA GLN B 332 -36.14 1.59 0.21
C GLN B 332 -34.81 0.94 -0.12
N GLU B 333 -34.56 0.67 -1.39
CA GLU B 333 -33.28 0.09 -1.82
C GLU B 333 -32.15 1.12 -1.70
N ASP B 334 -32.45 2.38 -1.97
CA ASP B 334 -31.49 3.46 -1.82
C ASP B 334 -31.03 3.61 -0.36
N ALA B 335 -31.96 3.47 0.58
CA ALA B 335 -31.63 3.52 2.01
C ALA B 335 -30.67 2.39 2.38
N ALA B 336 -30.94 1.20 1.86
CA ALA B 336 -30.07 0.04 2.09
C ALA B 336 -28.68 0.25 1.50
N SER B 337 -28.65 0.77 0.27
CA SER B 337 -27.38 1.03 -0.42
C SER B 337 -26.50 2.06 0.29
N LEU B 338 -27.12 3.07 0.91
CA LEU B 338 -26.39 4.08 1.67
C LEU B 338 -25.80 3.50 2.96
N ARG B 339 -26.50 2.55 3.58
CA ARG B 339 -25.97 1.86 4.75
C ARG B 339 -24.71 1.06 4.41
N VAL B 340 -24.71 0.43 3.23
CA VAL B 340 -23.54 -0.29 2.75
C VAL B 340 -22.39 0.68 2.43
N PHE B 341 -22.72 1.79 1.77
CA PHE B 341 -21.75 2.85 1.51
C PHE B 341 -21.09 3.31 2.81
N THR B 342 -21.91 3.52 3.84
CA THR B 342 -21.43 3.97 5.14
C THR B 342 -20.60 2.90 5.85
N GLU B 343 -21.01 1.65 5.73
CA GLU B 343 -20.23 0.52 6.25
C GLU B 343 -18.83 0.46 5.63
N ALA B 344 -18.75 0.70 4.32
CA ALA B 344 -17.48 0.70 3.59
C ALA B 344 -16.59 1.88 4.00
N MET B 345 -17.18 3.07 4.06
CA MET B 345 -16.46 4.27 4.48
C MET B 345 -15.90 4.11 5.89
N THR B 346 -16.71 3.50 6.77
CA THR B 346 -16.30 3.23 8.15
C THR B 346 -15.11 2.26 8.20
N ARG B 347 -15.13 1.23 7.36
CA ARG B 347 -13.99 0.30 7.25
C ARG B 347 -12.73 1.02 6.76
N TYR B 348 -12.90 2.03 5.91
CA TYR B 348 -11.78 2.86 5.45
C TYR B 348 -11.36 3.96 6.46
N SER B 349 -11.93 3.92 7.67
N SER B 349 -12.01 3.98 7.62
CA SER B 349 -11.70 4.93 8.69
CA SER B 349 -11.70 4.88 8.74
C SER B 349 -12.27 6.27 8.28
C SER B 349 -12.52 6.19 8.75
N ALA B 350 -13.55 6.29 7.92
CA ALA B 350 -14.27 7.54 7.72
C ALA B 350 -15.75 7.40 8.08
N PRO B 351 -16.05 7.20 9.38
CA PRO B 351 -17.45 7.08 9.78
C PRO B 351 -18.16 8.43 9.70
N PRO B 352 -19.49 8.42 9.55
CA PRO B 352 -20.22 9.67 9.39
C PRO B 352 -20.59 10.31 10.72
N GLY B 353 -20.81 11.62 10.70
CA GLY B 353 -21.40 12.33 11.83
C GLY B 353 -22.88 12.04 11.85
N ASP B 354 -23.57 12.52 10.81
CA ASP B 354 -24.97 12.18 10.58
C ASP B 354 -25.05 11.12 9.49
N PRO B 355 -25.90 10.10 9.67
CA PRO B 355 -26.05 9.10 8.61
C PRO B 355 -26.56 9.75 7.31
N PRO B 356 -26.02 9.33 6.15
CA PRO B 356 -26.45 9.92 4.89
C PRO B 356 -27.91 9.61 4.56
N GLN B 357 -28.60 10.57 3.96
CA GLN B 357 -30.00 10.39 3.58
C GLN B 357 -30.15 10.62 2.07
N PRO B 358 -30.84 9.70 1.37
CA PRO B 358 -31.04 9.91 -0.06
C PRO B 358 -32.04 11.03 -0.33
N GLU B 359 -31.73 11.87 -1.30
CA GLU B 359 -32.61 12.99 -1.69
C GLU B 359 -32.99 12.87 -3.15
N TYR B 360 -34.23 13.25 -3.47
CA TYR B 360 -34.77 13.16 -4.82
C TYR B 360 -35.16 14.55 -5.38
N ASP B 361 -34.73 15.58 -4.67
CA ASP B 361 -34.83 16.98 -5.12
C ASP B 361 -33.43 17.56 -4.98
N LEU B 362 -32.86 18.03 -6.08
CA LEU B 362 -31.50 18.58 -6.07
C LEU B 362 -31.33 19.69 -5.04
N GLU B 363 -32.37 20.48 -4.82
CA GLU B 363 -32.32 21.63 -3.91
C GLU B 363 -32.21 21.25 -2.43
N LEU B 364 -32.53 20.01 -2.09
CA LEU B 364 -32.52 19.55 -0.69
C LEU B 364 -31.19 18.95 -0.26
N ILE B 365 -30.23 18.85 -1.18
CA ILE B 365 -28.90 18.37 -0.86
C ILE B 365 -28.04 19.54 -0.41
N THR B 366 -27.50 19.46 0.81
CA THR B 366 -26.61 20.49 1.35
C THR B 366 -25.18 19.97 1.44
N SER B 367 -24.25 20.73 0.89
CA SER B 367 -22.82 20.40 0.93
C SER B 367 -21.99 21.68 0.85
N CYS B 368 -20.88 21.71 1.59
CA CYS B 368 -20.16 22.95 1.89
C CYS B 368 -21.18 24.00 2.36
N SER B 369 -22.08 23.59 3.25
CA SER B 369 -23.13 24.44 3.82
C SER B 369 -24.13 25.04 2.81
N SER B 370 -24.02 24.68 1.54
CA SER B 370 -24.75 25.35 0.47
C SER B 370 -25.72 24.42 -0.25
N ASN B 371 -26.70 25.02 -0.93
CA ASN B 371 -27.66 24.28 -1.76
C ASN B 371 -28.05 25.06 -3.01
N VAL B 372 -28.52 24.34 -4.02
CA VAL B 372 -29.01 24.95 -5.24
C VAL B 372 -30.44 25.47 -5.02
N SER B 373 -30.73 26.64 -5.58
CA SER B 373 -32.08 27.19 -5.58
C SER B 373 -32.31 27.92 -6.90
N VAL B 374 -33.54 28.37 -7.12
CA VAL B 374 -33.91 28.99 -8.39
C VAL B 374 -34.53 30.39 -8.21
N ALA B 375 -34.12 31.31 -9.07
CA ALA B 375 -34.73 32.62 -9.19
C ALA B 375 -34.97 32.89 -10.68
N HIS B 376 -35.30 34.13 -11.02
CA HIS B 376 -35.57 34.50 -12.40
C HIS B 376 -34.84 35.77 -12.79
N ASP B 377 -34.31 35.82 -14.02
CA ASP B 377 -33.65 37.03 -14.51
C ASP B 377 -34.69 38.02 -15.03
N ALA B 378 -34.22 39.12 -15.61
CA ALA B 378 -35.10 40.18 -16.11
C ALA B 378 -36.17 39.67 -17.08
N SER B 379 -35.80 38.77 -17.97
CA SER B 379 -36.73 38.25 -18.99
C SER B 379 -37.71 37.20 -18.45
N GLY B 380 -37.50 36.73 -17.22
CA GLY B 380 -38.36 35.72 -16.61
C GLY B 380 -37.80 34.31 -16.71
N LYS B 381 -36.60 34.19 -17.29
CA LYS B 381 -35.93 32.90 -17.46
C LYS B 381 -35.40 32.40 -16.12
N ARG B 382 -35.50 31.08 -15.90
CA ARG B 382 -35.01 30.47 -14.67
C ARG B 382 -33.49 30.57 -14.58
N VAL B 383 -33.00 31.00 -13.42
CA VAL B 383 -31.56 31.07 -13.16
C VAL B 383 -31.25 30.31 -11.86
N TYR B 384 -30.45 29.26 -11.98
CA TYR B 384 -30.00 28.51 -10.83
C TYR B 384 -28.83 29.23 -10.16
N TYR B 385 -28.77 29.17 -8.84
CA TYR B 385 -27.68 29.78 -8.08
C TYR B 385 -27.49 29.03 -6.76
N LEU B 386 -26.30 29.17 -6.17
CA LEU B 386 -26.01 28.56 -4.88
C LEU B 386 -26.30 29.54 -3.75
N THR B 387 -26.97 29.03 -2.72
CA THR B 387 -27.30 29.80 -1.54
C THR B 387 -27.01 28.96 -0.30
N ARG B 388 -27.25 29.56 0.86
CA ARG B 388 -27.14 28.84 2.12
C ARG B 388 -28.02 29.50 3.16
N ASP B 389 -28.19 28.83 4.29
CA ASP B 389 -28.81 29.43 5.45
C ASP B 389 -27.94 30.63 5.86
N PRO B 390 -28.54 31.82 5.98
CA PRO B 390 -27.76 33.05 6.24
C PRO B 390 -27.38 33.30 7.70
N THR B 391 -27.73 32.38 8.60
CA THR B 391 -27.52 32.58 10.04
C THR B 391 -26.07 32.89 10.41
N THR B 392 -25.14 32.02 10.01
CA THR B 392 -23.73 32.21 10.33
C THR B 392 -23.13 33.45 9.63
N PRO B 393 -23.40 33.62 8.32
CA PRO B 393 -22.99 34.86 7.66
C PRO B 393 -23.47 36.14 8.37
N LEU B 394 -24.70 36.15 8.87
CA LEU B 394 -25.24 37.32 9.57
C LEU B 394 -24.65 37.49 10.97
N ALA B 395 -24.42 36.38 11.66
CA ALA B 395 -23.74 36.41 12.96
C ALA B 395 -22.35 37.01 12.83
N ARG B 396 -21.63 36.60 11.79
CA ARG B 396 -20.27 37.09 11.54
C ARG B 396 -20.26 38.54 11.06
N ALA B 397 -21.27 38.93 10.28
CA ALA B 397 -21.43 40.32 9.87
C ALA B 397 -21.65 41.24 11.08
N ALA B 398 -22.44 40.79 12.05
CA ALA B 398 -22.68 41.53 13.29
C ALA B 398 -21.40 41.72 14.09
N TRP B 399 -20.60 40.66 14.20
CA TRP B 399 -19.30 40.74 14.86
C TRP B 399 -18.41 41.76 14.15
N GLU B 400 -18.35 41.64 12.83
CA GLU B 400 -17.48 42.50 12.00
C GLU B 400 -17.97 43.94 11.90
N THR B 401 -19.23 44.18 12.21
CA THR B 401 -19.77 45.54 12.30
C THR B 401 -19.11 46.32 13.46
N ALA B 402 -18.75 45.60 14.53
CA ALA B 402 -18.19 46.22 15.74
C ALA B 402 -16.69 46.00 15.92
N ARG B 403 -16.11 45.01 15.24
CA ARG B 403 -14.69 44.66 15.39
C ARG B 403 -14.00 44.44 14.05
N HIS B 404 -12.82 45.05 13.89
CA HIS B 404 -11.96 44.76 12.75
C HIS B 404 -11.36 43.36 12.92
N THR B 405 -11.55 42.50 11.93
CA THR B 405 -11.07 41.12 11.97
C THR B 405 -10.05 40.89 10.85
N PRO B 406 -9.18 39.86 11.01
CA PRO B 406 -8.19 39.54 9.97
C PRO B 406 -8.82 39.19 8.63
N VAL B 407 -9.91 38.44 8.65
CA VAL B 407 -10.66 38.11 7.43
C VAL B 407 -12.08 38.69 7.51
N ASN B 408 -12.44 39.42 6.47
CA ASN B 408 -13.76 40.03 6.38
C ASN B 408 -14.74 39.08 5.70
N SER B 409 -15.40 38.26 6.52
CA SER B 409 -16.33 37.25 6.00
C SER B 409 -17.46 37.86 5.17
N TRP B 410 -17.90 39.07 5.55
CA TRP B 410 -18.97 39.75 4.81
C TRP B 410 -18.61 39.98 3.34
N LEU B 411 -17.35 40.34 3.09
CA LEU B 411 -16.88 40.62 1.73
C LEU B 411 -16.77 39.32 0.92
N GLY B 412 -16.21 38.29 1.54
CA GLY B 412 -16.17 36.96 0.93
C GLY B 412 -17.56 36.43 0.64
N ASN B 413 -18.48 36.62 1.60
CA ASN B 413 -19.86 36.18 1.42
C ASN B 413 -20.58 36.93 0.30
N ILE B 414 -20.39 38.24 0.21
CA ILE B 414 -20.97 39.03 -0.89
C ILE B 414 -20.49 38.50 -2.24
N ILE B 415 -19.19 38.20 -2.33
CA ILE B 415 -18.61 37.72 -3.58
C ILE B 415 -19.11 36.32 -3.94
N MET B 416 -19.09 35.41 -2.96
CA MET B 416 -19.45 34.01 -3.17
CA MET B 416 -19.45 34.02 -3.21
C MET B 416 -20.97 33.83 -3.33
N TYR B 417 -21.75 34.64 -2.63
CA TYR B 417 -23.21 34.53 -2.63
C TYR B 417 -23.93 35.76 -3.20
N ALA B 418 -23.26 36.46 -4.12
CA ALA B 418 -23.81 37.68 -4.74
C ALA B 418 -25.22 37.56 -5.32
N PRO B 419 -25.56 36.40 -5.93
CA PRO B 419 -26.92 36.25 -6.47
C PRO B 419 -28.03 36.08 -5.43
N THR B 420 -27.67 35.79 -4.18
CA THR B 420 -28.69 35.48 -3.16
C THR B 420 -29.46 36.71 -2.69
N LEU B 421 -30.70 36.48 -2.25
CA LEU B 421 -31.56 37.54 -1.72
C LEU B 421 -30.94 38.22 -0.50
N TRP B 422 -30.37 37.42 0.39
CA TRP B 422 -29.85 37.91 1.67
C TRP B 422 -28.53 38.66 1.53
N ALA B 423 -27.66 38.23 0.63
CA ALA B 423 -26.39 38.93 0.39
C ALA B 423 -26.63 40.30 -0.25
N ARG B 424 -27.56 40.36 -1.19
CA ARG B 424 -27.86 41.60 -1.90
C ARG B 424 -28.59 42.60 -1.02
N MET B 425 -29.62 42.15 -0.32
CA MET B 425 -30.49 43.05 0.42
C MET B 425 -29.90 43.47 1.77
N ILE B 426 -29.21 42.55 2.45
CA ILE B 426 -28.69 42.83 3.79
C ILE B 426 -27.19 43.17 3.79
N LEU B 427 -26.35 42.26 3.32
CA LEU B 427 -24.89 42.46 3.41
C LEU B 427 -24.38 43.63 2.56
N MET B 428 -24.81 43.70 1.31
CA MET B 428 -24.40 44.81 0.44
C MET B 428 -24.87 46.14 1.01
N THR B 429 -26.14 46.21 1.37
CA THR B 429 -26.74 47.43 1.91
C THR B 429 -26.06 47.88 3.21
N HIS B 430 -25.86 46.93 4.11
CA HIS B 430 -25.28 47.24 5.43
C HIS B 430 -23.83 47.74 5.35
N PHE B 431 -22.99 47.00 4.64
CA PHE B 431 -21.56 47.33 4.63
C PHE B 431 -21.18 48.48 3.71
N PHE B 432 -21.92 48.69 2.61
CA PHE B 432 -21.70 49.89 1.79
C PHE B 432 -22.09 51.18 2.54
N SER B 433 -23.12 51.11 3.37
CA SER B 433 -23.48 52.22 4.26
C SER B 433 -22.32 52.55 5.22
N ILE B 434 -21.73 51.51 5.80
CA ILE B 434 -20.57 51.67 6.68
C ILE B 434 -19.38 52.26 5.94
N LEU B 435 -19.09 51.71 4.75
CA LEU B 435 -17.97 52.18 3.93
C LEU B 435 -18.13 53.63 3.49
N LEU B 436 -19.36 53.99 3.12
CA LEU B 436 -19.70 55.38 2.76
C LEU B 436 -19.44 56.33 3.93
N ALA B 437 -19.90 55.93 5.12
CA ALA B 437 -19.74 56.74 6.33
C ALA B 437 -18.28 57.06 6.66
N GLN B 438 -17.38 56.11 6.40
CA GLN B 438 -15.95 56.29 6.69
C GLN B 438 -15.12 56.71 5.47
N GLU B 439 -15.78 56.89 4.31
CA GLU B 439 -15.09 57.15 3.04
C GLU B 439 -13.98 56.13 2.77
N GLN B 440 -14.32 54.85 2.93
CA GLN B 440 -13.36 53.75 2.78
C GLN B 440 -13.76 52.78 1.65
N LEU B 441 -14.47 53.27 0.64
CA LEU B 441 -14.85 52.44 -0.50
C LEU B 441 -13.63 51.91 -1.27
N GLU B 442 -12.57 52.71 -1.33
CA GLU B 442 -11.37 52.35 -2.08
C GLU B 442 -10.31 51.58 -1.25
N LYS B 443 -10.52 51.46 0.06
CA LYS B 443 -9.57 50.73 0.91
C LYS B 443 -9.67 49.22 0.70
N ALA B 444 -8.59 48.61 0.22
CA ALA B 444 -8.55 47.16 0.00
C ALA B 444 -8.65 46.40 1.31
N LEU B 445 -9.44 45.32 1.31
CA LEU B 445 -9.67 44.51 2.51
C LEU B 445 -9.29 43.05 2.26
N ASP B 446 -8.78 42.40 3.30
CA ASP B 446 -8.46 40.97 3.24
C ASP B 446 -9.73 40.13 3.33
N CYS B 447 -9.82 39.11 2.48
CA CYS B 447 -10.91 38.14 2.56
C CYS B 447 -10.47 36.80 1.99
N GLN B 448 -11.23 35.75 2.29
CA GLN B 448 -10.89 34.39 1.87
C GLN B 448 -11.84 33.86 0.79
N ILE B 449 -11.26 33.25 -0.25
CA ILE B 449 -12.01 32.57 -1.31
C ILE B 449 -11.39 31.20 -1.54
N TYR B 450 -12.10 30.15 -1.11
CA TYR B 450 -11.63 28.76 -1.15
C TYR B 450 -10.33 28.57 -0.36
N GLY B 451 -10.23 29.24 0.79
CA GLY B 451 -9.06 29.11 1.67
C GLY B 451 -7.92 30.08 1.38
N ALA B 452 -7.88 30.62 0.17
CA ALA B 452 -6.80 31.54 -0.23
C ALA B 452 -7.17 32.97 0.16
N CYS B 453 -6.17 33.75 0.56
N CYS B 453 -6.16 33.75 0.55
CA CYS B 453 -6.40 35.15 0.97
CA CYS B 453 -6.36 35.14 0.96
C CYS B 453 -6.27 36.09 -0.22
C CYS B 453 -6.27 36.09 -0.24
N TYR B 454 -7.23 37.00 -0.35
CA TYR B 454 -7.25 37.99 -1.42
C TYR B 454 -7.43 39.38 -0.82
N SER B 455 -6.72 40.35 -1.39
CA SER B 455 -6.89 41.76 -1.02
C SER B 455 -7.77 42.43 -2.07
N ILE B 456 -8.96 42.86 -1.66
CA ILE B 456 -9.98 43.32 -2.60
C ILE B 456 -10.58 44.66 -2.16
N GLU B 457 -10.71 45.59 -3.11
CA GLU B 457 -11.37 46.88 -2.86
C GLU B 457 -12.86 46.73 -3.12
N PRO B 458 -13.71 47.18 -2.17
CA PRO B 458 -15.16 47.13 -2.37
C PRO B 458 -15.64 47.69 -3.71
N LEU B 459 -14.98 48.75 -4.21
CA LEU B 459 -15.36 49.37 -5.50
C LEU B 459 -15.27 48.44 -6.71
N ASP B 460 -14.45 47.38 -6.62
CA ASP B 460 -14.29 46.43 -7.72
C ASP B 460 -15.32 45.28 -7.70
N LEU B 461 -16.22 45.29 -6.72
CA LEU B 461 -17.22 44.22 -6.58
C LEU B 461 -18.12 44.01 -7.80
N PRO B 462 -18.57 45.09 -8.47
CA PRO B 462 -19.40 44.90 -9.65
C PRO B 462 -18.73 44.05 -10.73
N GLN B 463 -17.48 44.36 -11.03
CA GLN B 463 -16.71 43.60 -12.02
C GLN B 463 -16.49 42.14 -11.59
N ILE B 464 -16.13 41.95 -10.33
CA ILE B 464 -15.86 40.62 -9.78
C ILE B 464 -17.13 39.76 -9.80
N ILE B 465 -18.27 40.36 -9.45
CA ILE B 465 -19.55 39.64 -9.44
C ILE B 465 -19.97 39.25 -10.86
N GLU B 466 -19.82 40.18 -11.82
CA GLU B 466 -20.13 39.90 -13.23
C GLU B 466 -19.38 38.68 -13.77
N ARG B 467 -18.10 38.57 -13.42
CA ARG B 467 -17.25 37.48 -13.91
C ARG B 467 -17.56 36.13 -13.25
N LEU B 468 -17.92 36.15 -11.98
CA LEU B 468 -18.18 34.91 -11.22
C LEU B 468 -19.61 34.38 -11.40
N HIS B 469 -20.57 35.28 -11.57
CA HIS B 469 -21.99 34.91 -11.60
C HIS B 469 -22.73 35.31 -12.87
N GLY B 470 -22.19 36.27 -13.63
CA GLY B 470 -22.88 36.84 -14.79
C GLY B 470 -23.68 38.08 -14.42
N LEU B 471 -24.08 38.84 -15.43
CA LEU B 471 -24.88 40.05 -15.24
C LEU B 471 -26.23 39.78 -14.58
N SER B 472 -26.77 38.58 -14.76
CA SER B 472 -28.04 38.19 -14.15
C SER B 472 -28.05 38.35 -12.63
N ALA B 473 -26.87 38.25 -12.01
CA ALA B 473 -26.71 38.44 -10.55
C ALA B 473 -27.26 39.79 -10.07
N PHE B 474 -27.28 40.79 -10.94
CA PHE B 474 -27.78 42.12 -10.60
C PHE B 474 -29.27 42.32 -10.92
N SER B 475 -29.92 41.30 -11.48
CA SER B 475 -31.33 41.40 -11.89
C SER B 475 -32.23 40.24 -11.43
N LEU B 476 -31.73 39.35 -10.58
CA LEU B 476 -32.54 38.22 -10.12
C LEU B 476 -33.74 38.67 -9.29
N HIS B 477 -34.87 38.00 -9.48
CA HIS B 477 -36.09 38.27 -8.72
C HIS B 477 -36.95 37.01 -8.69
N SER B 478 -38.13 37.10 -8.07
CA SER B 478 -39.02 35.95 -7.93
C SER B 478 -38.27 34.76 -7.36
N TYR B 479 -37.68 34.97 -6.18
CA TYR B 479 -37.00 33.91 -5.46
C TYR B 479 -38.03 32.87 -4.99
N SER B 480 -37.56 31.67 -4.67
CA SER B 480 -38.48 30.58 -4.31
C SER B 480 -39.11 30.84 -2.93
N PRO B 481 -40.33 30.30 -2.71
CA PRO B 481 -40.98 30.41 -1.39
C PRO B 481 -40.15 29.83 -0.24
N GLY B 482 -39.46 28.72 -0.49
CA GLY B 482 -38.63 28.08 0.53
C GLY B 482 -37.41 28.89 0.93
N GLU B 483 -36.75 29.50 -0.06
CA GLU B 483 -35.59 30.36 0.19
C GLU B 483 -35.99 31.63 0.94
N ILE B 484 -37.08 32.26 0.49
CA ILE B 484 -37.60 33.46 1.16
C ILE B 484 -38.02 33.16 2.60
N ASN B 485 -38.69 32.03 2.80
CA ASN B 485 -39.10 31.59 4.13
C ASN B 485 -37.90 31.36 5.06
N ARG B 486 -36.86 30.72 4.55
CA ARG B 486 -35.64 30.48 5.33
C ARG B 486 -34.99 31.79 5.74
N VAL B 487 -34.91 32.74 4.81
CA VAL B 487 -34.31 34.04 5.07
C VAL B 487 -35.14 34.81 6.10
N ALA B 488 -36.44 34.93 5.85
CA ALA B 488 -37.35 35.63 6.76
C ALA B 488 -37.32 35.04 8.17
N SER B 489 -37.35 33.70 8.25
CA SER B 489 -37.28 33.00 9.53
C SER B 489 -35.99 33.33 10.28
N CYS B 490 -34.87 33.34 9.55
CA CYS B 490 -33.58 33.68 10.12
C CYS B 490 -33.57 35.09 10.72
N LEU B 491 -34.15 36.05 10.01
CA LEU B 491 -34.17 37.44 10.49
C LEU B 491 -34.96 37.59 11.79
N ARG B 492 -36.08 36.87 11.90
CA ARG B 492 -36.87 36.88 13.14
C ARG B 492 -36.09 36.25 14.30
N LYS B 493 -35.42 35.13 14.02
CA LYS B 493 -34.60 34.44 15.02
C LYS B 493 -33.52 35.34 15.61
N LEU B 494 -32.75 36.00 14.75
CA LEU B 494 -31.62 36.83 15.18
C LEU B 494 -31.98 38.25 15.57
N GLY B 495 -33.22 38.65 15.33
CA GLY B 495 -33.66 40.02 15.58
C GLY B 495 -33.07 40.99 14.58
N VAL B 496 -33.01 40.57 13.32
CA VAL B 496 -32.58 41.43 12.21
C VAL B 496 -33.82 42.05 11.59
N PRO B 497 -33.77 43.36 11.24
CA PRO B 497 -34.91 44.00 10.60
C PRO B 497 -35.39 43.27 9.34
N PRO B 498 -36.70 43.29 9.07
CA PRO B 498 -37.25 42.56 7.92
C PRO B 498 -36.81 43.15 6.59
N LEU B 499 -36.96 42.36 5.52
CA LEU B 499 -36.45 42.74 4.20
C LEU B 499 -37.01 44.07 3.67
N ARG B 500 -38.22 44.42 4.08
CA ARG B 500 -38.82 45.72 3.71
C ARG B 500 -38.00 46.91 4.21
N VAL B 501 -37.39 46.78 5.39
CA VAL B 501 -36.55 47.84 5.95
C VAL B 501 -35.26 47.95 5.14
N TRP B 502 -34.67 46.81 4.79
CA TRP B 502 -33.43 46.78 4.02
C TRP B 502 -33.60 47.40 2.63
N ARG B 503 -34.75 47.16 2.01
CA ARG B 503 -35.08 47.80 0.73
C ARG B 503 -35.07 49.32 0.87
N HIS B 504 -35.67 49.83 1.94
CA HIS B 504 -35.71 51.27 2.20
C HIS B 504 -34.29 51.84 2.38
N ARG B 505 -33.48 51.15 3.18
CA ARG B 505 -32.09 51.57 3.38
C ARG B 505 -31.27 51.51 2.10
N ALA B 506 -31.51 50.49 1.27
CA ALA B 506 -30.79 50.32 0.01
C ALA B 506 -30.99 51.51 -0.93
N ARG B 507 -32.21 52.04 -0.97
CA ARG B 507 -32.52 53.23 -1.78
C ARG B 507 -31.63 54.40 -1.37
N SER B 508 -31.48 54.62 -0.07
CA SER B 508 -30.60 55.66 0.46
C SER B 508 -29.15 55.40 0.07
N VAL B 509 -28.68 54.19 0.34
CA VAL B 509 -27.32 53.78 0.00
C VAL B 509 -27.04 53.95 -1.49
N ARG B 510 -27.98 53.51 -2.32
CA ARG B 510 -27.86 53.65 -3.77
C ARG B 510 -27.71 55.12 -4.16
N ALA B 511 -28.58 55.98 -3.62
CA ALA B 511 -28.56 57.41 -3.93
C ALA B 511 -27.26 58.07 -3.49
N ARG B 512 -26.74 57.66 -2.33
CA ARG B 512 -25.46 58.18 -1.84
C ARG B 512 -24.30 57.78 -2.76
N LEU B 513 -24.32 56.52 -3.23
CA LEU B 513 -23.29 56.02 -4.14
C LEU B 513 -23.32 56.72 -5.50
N LEU B 514 -24.51 56.94 -6.04
CA LEU B 514 -24.67 57.65 -7.31
C LEU B 514 -24.16 59.09 -7.23
N SER B 515 -24.41 59.74 -6.09
CA SER B 515 -23.99 61.13 -5.86
C SER B 515 -22.47 61.33 -5.99
N GLN B 516 -21.70 60.32 -5.61
CA GLN B 516 -20.23 60.42 -5.64
C GLN B 516 -19.63 60.19 -7.03
N GLY B 517 -20.42 59.62 -7.94
CA GLY B 517 -19.97 59.38 -9.31
C GLY B 517 -18.92 58.30 -9.40
N GLY B 518 -18.34 58.13 -10.59
CA GLY B 518 -17.22 57.21 -10.79
C GLY B 518 -17.54 55.77 -10.44
N ARG B 519 -16.54 55.08 -9.88
CA ARG B 519 -16.69 53.67 -9.49
C ARG B 519 -17.73 53.48 -8.39
N ALA B 520 -17.86 54.46 -7.51
CA ALA B 520 -18.90 54.43 -6.47
C ALA B 520 -20.29 54.40 -7.13
N ALA B 521 -20.48 55.27 -8.13
CA ALA B 521 -21.74 55.32 -8.88
C ALA B 521 -22.06 53.99 -9.55
N THR B 522 -21.03 53.34 -10.12
CA THR B 522 -21.19 52.02 -10.73
C THR B 522 -21.65 50.98 -9.71
N CYS B 523 -21.11 51.04 -8.49
CA CYS B 523 -21.58 50.17 -7.42
C CYS B 523 -23.07 50.41 -7.14
N GLY B 524 -23.48 51.67 -7.07
CA GLY B 524 -24.89 52.01 -6.87
C GLY B 524 -25.78 51.45 -7.96
N LYS B 525 -25.37 51.67 -9.21
CA LYS B 525 -26.16 51.26 -10.37
C LYS B 525 -26.40 49.75 -10.42
N TYR B 526 -25.32 48.99 -10.27
CA TYR B 526 -25.37 47.53 -10.46
C TYR B 526 -25.73 46.76 -9.19
N LEU B 527 -25.08 47.07 -8.06
CA LEU B 527 -25.33 46.32 -6.84
C LEU B 527 -26.73 46.54 -6.27
N PHE B 528 -27.30 47.72 -6.51
CA PHE B 528 -28.60 48.08 -5.92
C PHE B 528 -29.70 48.39 -6.92
N ASN B 529 -29.60 47.85 -8.14
CA ASN B 529 -30.69 47.99 -9.12
C ASN B 529 -31.98 47.35 -8.62
N TRP B 530 -31.86 46.28 -7.83
CA TRP B 530 -33.01 45.63 -7.20
C TRP B 530 -33.84 46.58 -6.34
N ALA B 531 -33.20 47.61 -5.77
CA ALA B 531 -33.84 48.51 -4.81
C ALA B 531 -34.78 49.54 -5.44
N VAL B 532 -34.66 49.77 -6.75
CA VAL B 532 -35.49 50.77 -7.43
C VAL B 532 -36.67 50.14 -8.17
N LYS B 533 -37.74 50.91 -8.31
CA LYS B 533 -38.95 50.46 -9.00
C LYS B 533 -38.76 50.43 -10.51
N THR B 534 -38.35 51.57 -11.07
CA THR B 534 -38.05 51.68 -12.49
C THR B 534 -36.58 51.33 -12.72
N LYS B 535 -36.32 50.06 -12.95
CA LYS B 535 -34.94 49.55 -13.02
C LYS B 535 -34.24 49.96 -14.31
N LEU B 536 -32.98 50.37 -14.16
CA LEU B 536 -32.13 50.68 -15.31
C LEU B 536 -31.77 49.37 -16.00
N LYS B 537 -32.12 49.24 -17.28
CA LYS B 537 -31.77 48.05 -18.06
C LYS B 537 -30.25 47.92 -18.10
N LEU B 538 -29.73 46.93 -17.39
CA LEU B 538 -28.29 46.82 -17.14
C LEU B 538 -27.53 46.27 -18.34
N THR B 539 -26.66 47.10 -18.90
CA THR B 539 -25.71 46.67 -19.93
C THR B 539 -24.43 46.24 -19.23
N PRO B 540 -23.50 45.58 -19.96
CA PRO B 540 -22.23 45.17 -19.34
C PRO B 540 -21.40 46.34 -18.79
N ILE B 541 -20.53 46.03 -17.83
CA ILE B 541 -19.71 47.04 -17.17
C ILE B 541 -18.54 47.46 -18.08
N PHE B 553 -10.37 30.53 -8.56
CA PHE B 553 -11.23 29.36 -8.73
C PHE B 553 -10.52 28.25 -9.49
N VAL B 554 -9.32 27.90 -9.03
CA VAL B 554 -8.54 26.81 -9.61
C VAL B 554 -8.44 25.65 -8.63
N ALA B 555 -7.96 25.93 -7.43
CA ALA B 555 -7.78 24.90 -6.39
C ALA B 555 -8.05 25.45 -5.00
N GLY B 556 -8.18 24.53 -4.03
CA GLY B 556 -8.43 24.89 -2.63
C GLY B 556 -7.14 24.92 -1.84
N TYR B 557 -7.03 25.89 -0.92
CA TYR B 557 -5.83 26.07 -0.11
C TYR B 557 -6.18 26.35 1.35
N SER B 558 -7.28 25.77 1.83
CA SER B 558 -7.71 25.96 3.22
C SER B 558 -6.62 25.54 4.19
N GLY B 559 -6.18 26.48 5.02
CA GLY B 559 -5.09 26.25 5.97
C GLY B 559 -3.70 26.26 5.37
N GLY B 560 -3.60 26.46 4.05
CA GLY B 560 -2.34 26.33 3.33
C GLY B 560 -1.49 27.59 3.24
N ASP B 561 -1.96 28.68 3.86
CA ASP B 561 -1.17 29.90 3.98
C ASP B 561 -0.87 30.51 2.60
N ILE B 562 -1.91 30.76 1.80
CA ILE B 562 -1.75 31.22 0.41
C ILE B 562 -2.39 32.59 0.19
N TYR B 563 -1.66 33.47 -0.51
CA TYR B 563 -2.09 34.84 -0.77
C TYR B 563 -2.00 35.18 -2.27
N HIS B 564 -2.97 35.93 -2.76
CA HIS B 564 -2.98 36.40 -4.15
C HIS B 564 -3.43 37.86 -4.25
O27 690 C . 16.70 -31.68 5.05
S24 690 C . 16.67 -30.37 4.49
O26 690 C . 16.95 -29.44 5.55
C25 690 C . 17.85 -30.23 3.35
N11 690 C . 15.17 -30.18 3.88
C10 690 C . 14.43 -29.17 4.58
C9 690 C . 13.73 -29.68 5.67
C8 690 C . 12.95 -28.84 6.44
O7 690 C . 12.25 -29.23 7.49
C28 690 C . 14.35 -27.79 4.27
C31 690 C . 15.09 -27.20 3.10
C32 690 C . 15.32 -25.69 3.02
C33 690 C . 14.27 -26.35 2.14
C29 690 C . 13.55 -26.95 5.07
C30 690 C . 12.87 -27.51 6.14
C5 690 C . 11.96 -27.01 7.20
C3 690 C . 11.55 -25.58 7.27
N2 690 C . 10.24 -25.31 7.30
C1 690 C . 9.72 -23.96 7.33
O4 690 C . 12.40 -24.70 7.25
C6 690 C . 11.56 -28.18 8.06
C34 690 C . 10.73 -28.29 9.27
C35 690 C . 10.49 -27.19 10.09
C36 690 C . 9.73 -27.33 11.24
C40 690 C . 10.23 -29.54 9.63
C39 690 C . 9.47 -29.68 10.77
C37 690 C . 9.22 -28.58 11.58
F38 690 C . 8.49 -28.73 12.70
C12 690 C . 15.04 -30.06 2.39
C13 690 C . 14.44 -31.34 1.81
C14 690 C . 13.97 -31.21 0.35
O15 690 C . 13.63 -29.87 -0.05
B16 690 C . 14.21 -29.53 -1.33
O17 690 C . 13.27 -29.03 -2.44
C18 690 C . 15.12 -30.66 -1.63
C19 690 C . 16.00 -30.81 -2.69
C20 690 C . 16.77 -31.98 -2.75
C21 690 C . 16.63 -32.96 -1.77
C22 690 C . 15.73 -32.79 -0.71
C23 690 C . 14.98 -31.61 -0.66
O27 690 D . -20.70 29.41 -3.45
S24 690 D . -19.44 28.75 -3.35
O26 690 D . -19.28 27.92 -4.52
C25 690 D . -18.25 29.89 -3.36
N11 690 D . -19.45 27.88 -1.99
C10 690 D . -19.39 26.47 -2.29
C9 690 D . -20.66 25.88 -2.40
C8 690 D . -20.78 24.53 -2.68
O7 690 D . -21.92 23.87 -2.81
C28 690 D . -18.24 25.66 -2.47
C31 690 D . -16.86 26.23 -2.36
C32 690 D . -15.63 25.38 -2.73
C33 690 D . -15.98 25.66 -1.26
C29 690 D . -18.40 24.29 -2.75
C30 690 D . -19.67 23.76 -2.85
C5 690 D . -20.25 22.42 -3.13
C3 690 D . -19.37 21.23 -3.38
N2 690 D . -19.64 20.13 -2.65
C1 690 D . -18.87 18.92 -2.78
O4 690 D . -18.46 21.29 -4.18
C6 690 D . -21.74 22.54 -3.08
C34 690 D . -22.82 21.55 -3.31
C35 690 D . -22.59 20.36 -3.99
C36 690 D . -23.64 19.46 -4.20
C40 690 D . -24.10 21.86 -2.88
C39 690 D . -25.15 20.97 -3.10
C37 690 D . -24.92 19.77 -3.75
F38 690 D . -25.94 18.91 -3.96
C12 690 D . -18.49 28.38 -0.97
C13 690 D . -18.86 27.94 0.46
C14 690 D . -17.68 27.32 1.21
O15 690 D . -16.42 27.98 1.00
B16 690 D . -15.74 28.28 2.23
O17 690 D . -14.29 27.81 2.42
C18 690 D . -16.74 27.96 3.28
C19 690 D . -16.67 28.16 4.65
C20 690 D . -17.76 27.78 5.43
C21 690 D . -18.89 27.22 4.83
C22 690 D . -18.94 27.04 3.45
C23 690 D . -17.85 27.42 2.69
#